data_7N86
#
_entry.id   7N86
#
_cell.length_a   63.899
_cell.length_b   86.641
_cell.length_c   104.892
_cell.angle_alpha   90.000
_cell.angle_beta   103.458
_cell.angle_gamma   90.000
#
_symmetry.space_group_name_H-M   'P 1 21 1'
#
loop_
_entity.id
_entity.type
_entity.pdbx_description
1 polymer 'Cadherin-related family member 2'
2 branched beta-D-mannopyranose-(1-4)-2-acetamido-2-deoxy-beta-D-glucopyranose-(1-4)-2-acetamido-2-deoxy-beta-D-glucopyranose
3 non-polymer 2-AMINO-2-HYDROXYMETHYL-PROPANE-1,3-DIOL
4 non-polymer 'CALCIUM ION'
5 non-polymer 'CHLORIDE ION'
6 non-polymer 'SODIUM ION'
7 non-polymer 'IODIDE ION'
8 water water
#
_entity_poly.entity_id   1
_entity_poly.type   'polypeptide(L)'
_entity_poly.pdbx_seq_one_letter_code
;NVAPKFLANMTSVILPEDLPVGAQAFWLVAEDQDNDPLTYGMSGPNAYFFAVTPKTGEVKLASALDYETLYTFKVTISVS
DPYIQVQREMLVIVEDRNDNAPVFQNTAFSTSINETLPVGSVVFSVLAVDKDMGSAGMVVYSIEKVIPSTGDSEHLFRIL
ANGSIVLNGSLSYNNKSAFYQLELKACDLGGMYHNTFTIQCSLPVFLSISVVDQPDLDPQTVPRARDPPVGGHHHHHH
;
_entity_poly.pdbx_strand_id   A,B,C,D
#
# COMPACT_ATOMS: atom_id res chain seq x y z
N ASN A 1 27.88 18.16 29.15
CA ASN A 1 27.98 17.73 27.74
C ASN A 1 26.60 17.67 27.09
N VAL A 2 26.43 18.27 25.92
CA VAL A 2 25.16 18.11 25.14
C VAL A 2 25.28 16.82 24.34
N ALA A 3 24.23 16.00 24.33
CA ALA A 3 24.09 14.72 23.58
C ALA A 3 24.03 14.96 22.09
N PRO A 4 24.63 14.08 21.27
CA PRO A 4 24.53 14.19 19.85
C PRO A 4 23.06 14.17 19.43
N LYS A 5 22.77 14.86 18.33
CA LYS A 5 21.42 15.05 17.75
C LYS A 5 21.46 14.58 16.29
N PHE A 6 20.64 13.63 15.89
CA PHE A 6 20.53 13.27 14.46
C PHE A 6 19.96 14.46 13.65
N LEU A 7 20.23 14.52 12.34
CA LEU A 7 19.52 15.40 11.37
C LEU A 7 18.06 14.95 11.26
N ALA A 8 17.18 15.80 10.73
CA ALA A 8 15.74 15.48 10.77
C ALA A 8 15.35 14.53 9.63
N ASN A 9 16.27 14.20 8.73
CA ASN A 9 16.00 13.24 7.64
C ASN A 9 16.25 11.82 8.08
N MET A 10 16.81 11.62 9.27
CA MET A 10 17.21 10.28 9.76
C MET A 10 15.99 9.54 10.32
N THR A 11 14.78 9.98 9.95
CA THR A 11 13.54 9.39 10.50
C THR A 11 13.04 8.37 9.50
N SER A 12 13.54 8.39 8.27
CA SER A 12 13.02 7.52 7.20
C SER A 12 13.90 7.70 5.99
N VAL A 13 14.05 6.63 5.20
CA VAL A 13 14.77 6.65 3.91
C VAL A 13 13.94 5.86 2.90
N ILE A 14 13.82 6.39 1.70
CA ILE A 14 13.18 5.61 0.60
C ILE A 14 14.29 4.95 -0.19
N LEU A 15 14.31 3.63 -0.25
CA LEU A 15 15.39 2.90 -0.96
C LEU A 15 14.76 2.05 -2.05
N PRO A 16 15.28 2.08 -3.30
CA PRO A 16 14.80 1.21 -4.37
C PRO A 16 15.26 -0.23 -4.12
N GLU A 17 14.57 -1.20 -4.67
CA GLU A 17 14.85 -2.64 -4.39
C GLU A 17 15.83 -3.14 -5.44
N ASP A 18 16.29 -2.31 -6.35
CA ASP A 18 17.22 -2.71 -7.42
C ASP A 18 18.60 -2.30 -6.93
N LEU A 19 18.68 -1.51 -5.85
CA LEU A 19 19.98 -1.11 -5.28
C LEU A 19 20.88 -2.36 -5.15
N PRO A 20 21.98 -2.46 -5.93
CA PRO A 20 22.83 -3.65 -5.84
C PRO A 20 23.42 -3.78 -4.41
N VAL A 21 23.83 -4.99 -4.00
CA VAL A 21 24.47 -5.23 -2.65
C VAL A 21 25.92 -4.78 -2.58
N GLY A 22 26.31 -3.98 -1.55
CA GLY A 22 27.61 -3.29 -1.39
C GLY A 22 27.58 -1.85 -1.92
N ALA A 23 26.39 -1.29 -2.16
CA ALA A 23 26.19 0.06 -2.73
C ALA A 23 26.01 1.01 -1.55
N GLN A 24 26.55 2.23 -1.64
CA GLN A 24 26.26 3.29 -0.65
C GLN A 24 24.72 3.41 -0.61
N ALA A 25 24.12 3.16 0.54
CA ALA A 25 22.66 3.27 0.72
C ALA A 25 22.36 4.72 1.13
N PHE A 26 22.96 5.16 2.24
CA PHE A 26 22.74 6.52 2.81
C PHE A 26 23.87 6.82 3.78
N TRP A 27 23.73 7.86 4.60
CA TRP A 27 24.75 8.21 5.61
C TRP A 27 24.00 8.43 6.89
N LEU A 28 24.54 8.01 8.02
CA LEU A 28 23.99 8.43 9.35
C LEU A 28 24.68 9.73 9.72
N VAL A 29 23.95 10.81 9.80
CA VAL A 29 24.59 12.12 10.08
C VAL A 29 23.94 12.71 11.33
N ALA A 30 24.80 13.17 12.22
CA ALA A 30 24.39 13.77 13.49
C ALA A 30 25.28 14.98 13.77
N GLU A 31 24.91 15.73 14.79
CA GLU A 31 25.62 16.97 15.08
C GLU A 31 25.77 17.10 16.58
N ASP A 32 26.98 17.31 17.05
CA ASP A 32 27.21 17.63 18.48
C ASP A 32 27.53 19.12 18.60
N GLN A 33 26.81 19.83 19.48
CA GLN A 33 27.00 21.26 19.77
C GLN A 33 28.31 21.46 20.54
N ASP A 34 28.77 20.47 21.31
CA ASP A 34 30.11 20.45 22.00
C ASP A 34 31.21 20.04 21.01
N ASN A 35 30.86 19.73 19.77
CA ASN A 35 31.75 19.19 18.70
C ASN A 35 32.63 18.02 19.16
N ASP A 36 32.05 17.03 19.87
CA ASP A 36 32.74 15.78 20.32
C ASP A 36 32.91 14.90 19.08
N PRO A 37 33.86 13.93 19.10
CA PRO A 37 33.92 12.86 18.08
C PRO A 37 32.80 11.81 18.12
N LEU A 38 32.13 11.58 16.99
CA LEU A 38 30.83 10.82 16.90
C LEU A 38 31.04 9.41 16.34
N THR A 39 30.40 8.45 16.96
CA THR A 39 30.56 7.04 16.57
C THR A 39 29.17 6.46 16.29
N TYR A 40 28.97 5.97 15.08
CA TYR A 40 27.60 5.58 14.63
C TYR A 40 27.50 4.05 14.62
N GLY A 41 26.27 3.55 14.62
CA GLY A 41 25.92 2.14 14.67
C GLY A 41 24.47 1.86 14.22
N MET A 42 24.17 0.66 13.80
CA MET A 42 22.79 0.26 13.51
C MET A 42 22.48 -1.02 14.29
N SER A 43 21.27 -1.16 14.84
CA SER A 43 20.89 -2.24 15.78
C SER A 43 19.54 -2.81 15.34
N GLY A 44 19.13 -3.95 15.92
CA GLY A 44 17.77 -4.46 15.80
C GLY A 44 17.66 -5.65 14.86
N PRO A 45 16.47 -6.27 14.74
CA PRO A 45 16.24 -7.51 14.01
C PRO A 45 16.42 -7.34 12.53
N ASN A 46 16.35 -6.09 12.08
CA ASN A 46 16.41 -5.82 10.62
C ASN A 46 17.61 -4.94 10.24
N ALA A 47 18.77 -5.14 10.88
CA ALA A 47 20.02 -4.44 10.55
C ALA A 47 20.96 -5.38 9.82
N TYR A 48 20.46 -6.48 9.29
CA TYR A 48 21.31 -7.42 8.54
C TYR A 48 21.34 -7.04 7.06
N PHE A 49 20.51 -6.09 6.61
CA PHE A 49 20.56 -5.55 5.22
C PHE A 49 21.58 -4.42 5.13
N PHE A 50 22.22 -4.05 6.24
CA PHE A 50 23.03 -2.81 6.34
C PHE A 50 24.40 -3.07 6.91
N ALA A 51 25.38 -2.31 6.45
CA ALA A 51 26.75 -2.30 6.95
C ALA A 51 27.17 -0.86 7.21
N VAL A 52 27.08 -0.45 8.50
CA VAL A 52 27.49 0.91 8.94
C VAL A 52 28.98 0.93 9.33
N THR A 53 29.78 1.80 8.73
CA THR A 53 31.11 2.12 9.28
C THR A 53 30.96 2.98 10.54
N PRO A 54 31.48 2.54 11.68
CA PRO A 54 31.31 3.22 12.95
C PRO A 54 31.75 4.69 13.10
N LYS A 55 32.70 5.17 12.31
CA LYS A 55 33.27 6.51 12.55
C LYS A 55 32.84 7.58 11.53
N THR A 56 32.37 7.10 10.39
CA THR A 56 32.08 7.94 9.21
C THR A 56 30.57 8.14 9.18
N GLY A 57 29.84 7.00 9.30
CA GLY A 57 28.37 6.87 9.22
C GLY A 57 27.94 6.32 7.90
N GLU A 58 28.86 5.87 7.08
CA GLU A 58 28.52 5.38 5.73
C GLU A 58 27.71 4.12 5.89
N VAL A 59 26.53 4.04 5.28
CA VAL A 59 25.76 2.78 5.32
C VAL A 59 25.73 2.15 3.93
N LYS A 60 26.14 0.89 3.83
CA LYS A 60 26.05 0.17 2.56
C LYS A 60 25.16 -1.07 2.71
N LEU A 61 24.60 -1.48 1.59
CA LEU A 61 23.65 -2.58 1.54
C LEU A 61 24.42 -3.86 1.69
N ALA A 62 24.05 -4.70 2.65
CA ALA A 62 24.77 -5.94 3.00
C ALA A 62 23.92 -7.11 2.50
N SER A 63 22.63 -6.92 2.39
CA SER A 63 21.69 -7.98 1.99
C SER A 63 20.69 -7.38 1.01
N ALA A 64 20.32 -8.17 0.01
CA ALA A 64 19.38 -7.69 -1.04
C ALA A 64 18.02 -7.33 -0.43
N LEU A 65 17.42 -6.29 -0.96
CA LEU A 65 16.06 -5.85 -0.56
C LEU A 65 15.06 -6.52 -1.52
N ASP A 66 13.81 -6.62 -1.10
CA ASP A 66 12.74 -7.11 -2.00
C ASP A 66 11.43 -6.51 -1.52
N TYR A 67 10.69 -5.92 -2.44
CA TYR A 67 9.34 -5.38 -2.19
C TYR A 67 8.34 -6.53 -2.05
N GLU A 68 8.73 -7.78 -2.32
CA GLU A 68 7.74 -8.89 -2.34
C GLU A 68 7.97 -9.75 -1.10
N THR A 69 9.01 -9.45 -0.33
CA THR A 69 9.23 -10.00 1.04
C THR A 69 8.77 -8.86 1.95
N LEU A 70 9.54 -7.79 2.06
CA LEU A 70 9.44 -6.77 3.13
C LEU A 70 9.44 -5.39 2.51
N TYR A 71 8.28 -4.75 2.43
CA TYR A 71 8.13 -3.48 1.68
C TYR A 71 8.38 -2.29 2.60
N THR A 72 8.38 -2.51 3.91
CA THR A 72 8.77 -1.45 4.85
C THR A 72 9.17 -2.09 6.16
N PHE A 73 10.10 -1.50 6.87
CA PHE A 73 10.67 -2.14 8.07
C PHE A 73 11.31 -1.03 8.86
N LYS A 74 11.72 -1.36 10.07
CA LYS A 74 12.25 -0.37 11.01
C LYS A 74 13.60 -0.86 11.46
N VAL A 75 14.44 0.08 11.82
CA VAL A 75 15.79 -0.29 12.29
C VAL A 75 16.22 0.75 13.30
N THR A 76 16.99 0.33 14.28
CA THR A 76 17.49 1.22 15.37
C THR A 76 18.80 1.81 14.86
N ILE A 77 18.88 3.10 14.74
CA ILE A 77 20.17 3.79 14.50
C ILE A 77 20.71 4.32 15.83
N SER A 78 22.02 4.49 15.94
CA SER A 78 22.69 4.95 17.19
C SER A 78 23.84 5.94 16.89
N VAL A 79 23.95 6.99 17.70
CA VAL A 79 25.08 7.92 17.61
C VAL A 79 25.52 8.07 19.04
N SER A 80 26.80 8.14 19.24
CA SER A 80 27.32 8.11 20.61
C SER A 80 28.49 9.07 20.72
N ASP A 81 28.40 10.08 21.60
CA ASP A 81 29.57 10.91 21.93
C ASP A 81 30.29 10.10 23.01
N PRO A 82 31.55 10.41 23.38
CA PRO A 82 32.26 9.68 24.42
C PRO A 82 31.46 9.53 25.73
N TYR A 83 30.33 10.23 25.87
CA TYR A 83 29.63 10.32 27.17
C TYR A 83 28.19 9.83 27.10
N ILE A 84 27.54 9.88 25.95
CA ILE A 84 26.11 9.49 25.90
C ILE A 84 25.79 8.85 24.55
N GLN A 85 24.88 7.89 24.55
CA GLN A 85 24.45 7.25 23.32
C GLN A 85 22.98 7.59 23.10
N VAL A 86 22.70 8.04 21.88
CA VAL A 86 21.33 8.37 21.43
C VAL A 86 20.95 7.26 20.47
N GLN A 87 19.88 6.54 20.78
CA GLN A 87 19.25 5.57 19.86
C GLN A 87 17.91 6.12 19.40
N ARG A 88 17.57 5.73 18.17
CA ARG A 88 16.37 6.25 17.50
C ARG A 88 15.96 5.22 16.48
N GLU A 89 14.69 5.23 16.13
CA GLU A 89 14.15 4.29 15.12
C GLU A 89 14.12 4.96 13.76
N MET A 90 14.49 4.20 12.73
CA MET A 90 14.47 4.68 11.33
C MET A 90 13.54 3.75 10.57
N LEU A 91 12.74 4.29 9.65
CA LEU A 91 11.78 3.52 8.85
C LEU A 91 12.39 3.38 7.49
N VAL A 92 12.60 2.16 7.03
CA VAL A 92 13.04 1.97 5.62
C VAL A 92 11.81 1.75 4.75
N ILE A 93 11.59 2.58 3.74
CA ILE A 93 10.50 2.40 2.75
C ILE A 93 11.17 1.88 1.50
N VAL A 94 10.76 0.70 1.05
CA VAL A 94 11.31 0.07 -0.18
C VAL A 94 10.40 0.42 -1.32
N GLU A 95 10.96 0.64 -2.52
CA GLU A 95 10.20 0.88 -3.78
C GLU A 95 10.29 -0.28 -4.76
N ASP A 96 9.20 -0.56 -5.48
CA ASP A 96 9.12 -1.70 -6.44
C ASP A 96 9.93 -1.36 -7.68
N ARG A 97 10.61 -2.32 -8.25
CA ARG A 97 11.16 -2.22 -9.62
C ARG A 97 10.67 -3.42 -10.41
N ASN A 98 10.74 -3.41 -11.74
CA ASN A 98 10.47 -4.63 -12.53
C ASN A 98 11.69 -5.54 -12.39
N ASP A 99 11.91 -6.14 -11.21
CA ASP A 99 13.04 -7.06 -10.93
C ASP A 99 12.67 -8.50 -11.32
N ASN A 100 11.40 -8.87 -11.37
CA ASN A 100 10.94 -10.28 -11.52
C ASN A 100 10.39 -10.50 -12.92
N ALA A 101 10.52 -11.72 -13.43
CA ALA A 101 10.04 -12.02 -14.80
C ALA A 101 8.97 -13.09 -14.76
N PRO A 102 8.14 -13.20 -15.79
CA PRO A 102 7.21 -14.31 -15.90
C PRO A 102 7.89 -15.68 -15.92
N VAL A 103 7.35 -16.64 -15.16
CA VAL A 103 7.96 -17.96 -14.93
C VAL A 103 6.90 -19.00 -15.25
N PHE A 104 7.23 -20.04 -16.03
CA PHE A 104 6.30 -21.16 -16.30
C PHE A 104 6.56 -22.26 -15.29
N GLN A 105 5.52 -22.94 -14.82
CA GLN A 105 5.74 -23.95 -13.76
C GLN A 105 6.40 -25.17 -14.39
N ASN A 106 6.25 -25.36 -15.67
CA ASN A 106 6.99 -26.44 -16.35
C ASN A 106 7.60 -25.84 -17.62
N THR A 107 8.74 -26.30 -18.12
CA THR A 107 9.30 -25.72 -19.39
C THR A 107 8.90 -26.55 -20.62
N ALA A 108 8.24 -27.68 -20.41
CA ALA A 108 7.87 -28.53 -21.57
C ALA A 108 6.54 -29.23 -21.29
N PHE A 109 5.66 -29.08 -22.26
CA PHE A 109 4.26 -29.48 -22.15
C PHE A 109 4.09 -30.37 -23.36
N SER A 110 2.91 -30.94 -23.52
CA SER A 110 2.68 -31.99 -24.53
C SER A 110 1.23 -32.38 -24.50
N THR A 111 0.65 -32.51 -25.68
CA THR A 111 -0.81 -32.64 -25.86
C THR A 111 -1.06 -33.41 -27.15
N SER A 112 -2.33 -33.71 -27.33
CA SER A 112 -2.84 -34.58 -28.38
C SER A 112 -4.24 -34.07 -28.73
N ILE A 113 -4.48 -33.71 -29.99
CA ILE A 113 -5.80 -33.19 -30.41
C ILE A 113 -6.25 -34.06 -31.59
N ASN A 114 -7.55 -34.10 -31.83
CA ASN A 114 -8.14 -34.86 -32.95
C ASN A 114 -8.27 -33.93 -34.14
N GLU A 115 -7.96 -34.42 -35.32
CA GLU A 115 -8.03 -33.61 -36.56
C GLU A 115 -9.44 -33.04 -36.75
N THR A 116 -10.50 -33.64 -36.17
CA THR A 116 -11.90 -33.22 -36.47
C THR A 116 -12.37 -32.13 -35.48
N LEU A 117 -11.46 -31.68 -34.60
CA LEU A 117 -11.72 -30.58 -33.63
C LEU A 117 -12.10 -29.33 -34.41
N PRO A 118 -13.27 -28.71 -34.15
CA PRO A 118 -13.67 -27.49 -34.86
C PRO A 118 -12.76 -26.29 -34.53
N VAL A 119 -12.77 -25.29 -35.41
CA VAL A 119 -12.03 -24.00 -35.29
C VAL A 119 -12.60 -23.24 -34.09
N GLY A 120 -11.82 -22.40 -33.45
CA GLY A 120 -12.18 -21.75 -32.18
C GLY A 120 -11.95 -22.65 -30.96
N SER A 121 -12.06 -23.98 -31.09
CA SER A 121 -12.00 -24.89 -29.93
C SER A 121 -10.63 -24.81 -29.24
N VAL A 122 -10.63 -24.73 -27.90
CA VAL A 122 -9.40 -24.60 -27.06
C VAL A 122 -8.64 -25.93 -27.10
N VAL A 123 -7.36 -25.85 -27.44
CA VAL A 123 -6.45 -27.02 -27.51
C VAL A 123 -5.84 -27.21 -26.12
N PHE A 124 -5.13 -26.20 -25.66
CA PHE A 124 -4.34 -26.27 -24.42
C PHE A 124 -4.38 -24.90 -23.75
N SER A 125 -3.83 -24.84 -22.55
CA SER A 125 -3.83 -23.65 -21.71
C SER A 125 -2.47 -23.57 -21.03
N VAL A 126 -1.92 -22.38 -20.89
CA VAL A 126 -0.63 -22.20 -20.22
C VAL A 126 -0.81 -21.12 -19.17
N LEU A 127 0.02 -21.19 -18.14
CA LEU A 127 0.10 -20.12 -17.14
C LEU A 127 1.56 -19.73 -16.96
N ALA A 128 1.81 -18.44 -16.79
CA ALA A 128 3.12 -17.91 -16.38
C ALA A 128 2.86 -16.88 -15.29
N VAL A 129 3.66 -16.86 -14.25
CA VAL A 129 3.35 -15.94 -13.14
C VAL A 129 4.57 -15.07 -12.87
N ASP A 130 4.37 -13.77 -12.65
CA ASP A 130 5.43 -12.78 -12.25
C ASP A 130 5.27 -12.55 -10.74
N LYS A 131 6.30 -12.74 -9.92
CA LYS A 131 6.26 -12.38 -8.48
C LYS A 131 5.96 -10.87 -8.36
N ASP A 132 6.23 -10.10 -9.41
CA ASP A 132 6.02 -8.64 -9.41
C ASP A 132 4.51 -8.41 -9.39
N MET A 133 4.03 -7.34 -8.77
CA MET A 133 2.60 -6.95 -8.70
C MET A 133 2.37 -5.62 -9.39
N GLY A 134 1.14 -5.43 -9.92
CA GLY A 134 0.78 -4.31 -10.80
C GLY A 134 0.98 -4.62 -12.27
N SER A 135 1.24 -3.57 -13.04
CA SER A 135 1.40 -3.72 -14.51
C SER A 135 2.71 -4.49 -14.78
N ALA A 136 3.62 -4.48 -13.78
CA ALA A 136 4.93 -5.18 -13.87
C ALA A 136 4.70 -6.69 -13.67
N GLY A 137 3.53 -7.02 -13.10
CA GLY A 137 3.07 -8.40 -12.86
C GLY A 137 1.98 -8.89 -13.81
N MET A 138 1.92 -8.44 -15.04
CA MET A 138 0.84 -8.79 -15.98
C MET A 138 1.46 -9.51 -17.15
N VAL A 139 1.16 -10.78 -17.32
CA VAL A 139 1.81 -11.60 -18.37
C VAL A 139 1.07 -11.42 -19.70
N VAL A 140 1.79 -11.03 -20.75
CA VAL A 140 1.29 -11.12 -22.14
C VAL A 140 1.91 -12.34 -22.84
N TYR A 141 1.07 -13.24 -23.34
CA TYR A 141 1.57 -14.47 -23.98
C TYR A 141 1.78 -14.23 -25.48
N SER A 142 2.67 -15.02 -26.08
CA SER A 142 2.96 -14.91 -27.54
C SER A 142 3.42 -16.26 -28.12
N ILE A 143 3.10 -16.51 -29.39
CA ILE A 143 3.60 -17.73 -30.09
C ILE A 143 4.74 -17.24 -30.99
N GLU A 144 5.99 -17.56 -30.65
CA GLU A 144 7.18 -16.95 -31.32
C GLU A 144 7.64 -17.78 -32.51
N LYS A 145 7.14 -19.00 -32.65
CA LYS A 145 7.62 -19.88 -33.73
C LYS A 145 6.72 -21.10 -33.84
N VAL A 146 6.37 -21.47 -35.06
CA VAL A 146 5.67 -22.77 -35.30
C VAL A 146 6.66 -23.65 -36.01
N ILE A 147 6.76 -24.92 -35.61
CA ILE A 147 7.64 -25.91 -36.31
C ILE A 147 6.83 -27.18 -36.54
N PRO A 148 6.15 -27.37 -37.70
CA PRO A 148 6.60 -26.96 -39.04
C PRO A 148 6.11 -25.54 -39.41
N SER A 149 7.03 -24.65 -39.71
CA SER A 149 6.68 -23.29 -40.19
C SER A 149 6.29 -23.34 -41.68
N THR A 150 5.23 -24.03 -42.04
CA THR A 150 4.60 -23.85 -43.37
C THR A 150 3.74 -22.60 -43.24
N GLY A 151 3.20 -22.08 -44.35
CA GLY A 151 2.35 -20.88 -44.28
C GLY A 151 1.17 -21.06 -43.31
N ASP A 152 0.43 -22.08 -43.59
CA ASP A 152 -0.78 -22.31 -42.81
C ASP A 152 -0.41 -22.42 -41.33
N SER A 153 0.71 -23.06 -41.02
CA SER A 153 1.12 -23.33 -39.61
C SER A 153 1.10 -22.06 -38.78
N GLU A 154 1.65 -20.97 -39.30
CA GLU A 154 1.82 -19.74 -38.49
C GLU A 154 0.50 -19.04 -38.20
N HIS A 155 -0.61 -19.56 -38.74
CA HIS A 155 -1.96 -18.94 -38.59
C HIS A 155 -2.98 -19.93 -38.04
N LEU A 156 -2.56 -21.14 -37.68
CA LEU A 156 -3.47 -22.25 -37.27
C LEU A 156 -3.76 -22.15 -35.79
N PHE A 157 -2.97 -21.37 -35.08
CA PHE A 157 -3.11 -21.26 -33.60
C PHE A 157 -2.97 -19.81 -33.18
N ARG A 158 -3.54 -19.47 -32.03
CA ARG A 158 -3.42 -18.12 -31.42
C ARG A 158 -3.56 -18.22 -29.89
N ILE A 159 -2.63 -17.62 -29.13
CA ILE A 159 -2.64 -17.62 -27.64
C ILE A 159 -3.38 -16.37 -27.22
N LEU A 160 -4.03 -16.43 -26.08
CA LEU A 160 -4.92 -15.37 -25.56
C LEU A 160 -4.32 -14.88 -24.27
N ALA A 161 -4.92 -13.87 -23.67
CA ALA A 161 -4.49 -13.34 -22.34
C ALA A 161 -4.58 -14.43 -21.26
N ASN A 162 -5.66 -15.21 -21.21
CA ASN A 162 -5.89 -16.29 -20.21
C ASN A 162 -4.79 -17.36 -20.35
N GLY A 163 -4.06 -17.45 -21.46
CA GLY A 163 -3.12 -18.56 -21.68
C GLY A 163 -3.77 -19.66 -22.51
N SER A 164 -5.04 -19.55 -22.86
CA SER A 164 -5.72 -20.51 -23.76
C SER A 164 -5.10 -20.47 -25.17
N ILE A 165 -4.70 -21.62 -25.71
CA ILE A 165 -4.31 -21.74 -27.15
C ILE A 165 -5.51 -22.25 -27.97
N VAL A 166 -5.97 -21.46 -28.92
CA VAL A 166 -7.25 -21.67 -29.65
C VAL A 166 -6.87 -22.17 -31.03
N LEU A 167 -7.74 -22.92 -31.67
CA LEU A 167 -7.53 -23.23 -33.11
C LEU A 167 -8.02 -22.07 -34.02
N ASN A 168 -7.15 -21.46 -34.81
CA ASN A 168 -7.58 -20.39 -35.74
C ASN A 168 -7.75 -21.03 -37.10
N GLY A 169 -7.55 -22.34 -37.23
CA GLY A 169 -7.50 -23.00 -38.56
C GLY A 169 -8.02 -24.43 -38.52
N SER A 170 -7.85 -25.17 -39.62
CA SER A 170 -8.29 -26.61 -39.72
C SER A 170 -7.05 -27.50 -39.81
N LEU A 171 -7.15 -28.79 -39.46
CA LEU A 171 -5.95 -29.67 -39.42
C LEU A 171 -6.15 -30.89 -40.31
N SER A 172 -5.06 -31.61 -40.56
CA SER A 172 -5.06 -32.82 -41.43
C SER A 172 -3.83 -33.64 -41.09
N TYR A 173 -4.02 -34.87 -40.58
CA TYR A 173 -2.92 -35.81 -40.20
C TYR A 173 -2.16 -36.20 -41.47
N ASN A 174 -2.85 -36.10 -42.61
CA ASN A 174 -2.31 -36.57 -43.90
C ASN A 174 -2.03 -35.37 -44.81
N ASN A 175 -2.98 -34.47 -45.01
CA ASN A 175 -2.82 -33.39 -46.02
C ASN A 175 -2.16 -32.15 -45.40
N LYS A 176 -1.76 -32.22 -44.13
CA LYS A 176 -1.04 -31.10 -43.43
C LYS A 176 0.08 -31.70 -42.61
N SER A 177 0.05 -31.63 -41.30
CA SER A 177 1.08 -32.28 -40.47
C SER A 177 0.43 -33.03 -39.31
N ALA A 178 1.15 -34.05 -38.81
CA ALA A 178 0.80 -34.87 -37.64
C ALA A 178 1.64 -34.45 -36.42
N PHE A 179 2.13 -33.21 -36.48
CA PHE A 179 2.86 -32.59 -35.36
C PHE A 179 3.13 -31.14 -35.60
N TYR A 180 2.91 -30.31 -34.59
CA TYR A 180 3.25 -28.89 -34.58
C TYR A 180 3.94 -28.67 -33.26
N GLN A 181 5.16 -28.19 -33.29
CA GLN A 181 5.79 -27.70 -32.04
C GLN A 181 5.77 -26.17 -31.99
N LEU A 182 5.38 -25.58 -30.87
CA LEU A 182 5.18 -24.12 -30.81
C LEU A 182 6.07 -23.55 -29.73
N GLU A 183 6.87 -22.56 -30.05
CA GLU A 183 7.60 -21.87 -28.98
C GLU A 183 6.76 -20.74 -28.42
N LEU A 184 6.59 -20.68 -27.11
CA LEU A 184 5.79 -19.60 -26.45
C LEU A 184 6.71 -18.74 -25.59
N LYS A 185 6.20 -17.59 -25.22
CA LYS A 185 6.98 -16.72 -24.34
C LYS A 185 6.03 -15.83 -23.60
N ALA A 186 6.36 -15.58 -22.34
CA ALA A 186 5.53 -14.75 -21.45
C ALA A 186 6.35 -13.51 -21.09
N CYS A 187 5.80 -12.32 -21.39
CA CYS A 187 6.46 -11.01 -21.11
C CYS A 187 5.54 -10.19 -20.27
N ASP A 188 6.07 -9.42 -19.32
CA ASP A 188 5.25 -8.54 -18.45
C ASP A 188 4.92 -7.32 -19.31
N LEU A 189 3.99 -6.50 -18.85
CA LEU A 189 3.62 -5.25 -19.57
C LEU A 189 4.69 -4.16 -19.37
N GLY A 190 5.57 -4.28 -18.40
CA GLY A 190 6.67 -3.32 -18.28
C GLY A 190 6.69 -2.64 -16.92
N GLY A 191 7.77 -1.91 -16.67
CA GLY A 191 8.07 -1.29 -15.39
C GLY A 191 9.49 -0.78 -15.38
N MET A 192 9.95 -0.23 -14.25
CA MET A 192 11.27 0.39 -14.12
C MET A 192 12.35 -0.50 -13.50
N TYR A 193 13.49 -0.70 -14.17
CA TYR A 193 14.64 -1.51 -13.66
C TYR A 193 15.94 -0.81 -14.01
N HIS A 194 16.80 -0.50 -13.03
CA HIS A 194 18.06 0.28 -13.24
C HIS A 194 17.76 1.57 -14.05
N ASN A 195 16.78 2.36 -13.61
CA ASN A 195 16.42 3.72 -14.13
C ASN A 195 16.02 3.68 -15.59
N THR A 196 15.68 2.48 -16.10
CA THR A 196 15.24 2.30 -17.50
C THR A 196 13.98 1.46 -17.55
N PHE A 197 12.97 1.87 -18.32
CA PHE A 197 11.77 1.05 -18.60
C PHE A 197 12.22 -0.32 -19.14
N THR A 198 11.95 -1.37 -18.40
CA THR A 198 12.38 -2.75 -18.71
C THR A 198 11.12 -3.59 -18.88
N ILE A 199 11.02 -4.35 -19.98
CA ILE A 199 10.04 -5.46 -20.16
C ILE A 199 10.74 -6.77 -19.88
N GLN A 200 10.55 -7.41 -18.73
CA GLN A 200 11.22 -8.69 -18.42
C GLN A 200 10.42 -9.83 -19.03
N CYS A 201 11.03 -10.66 -19.84
CA CYS A 201 10.37 -11.78 -20.56
C CYS A 201 10.75 -13.14 -19.99
N SER A 202 10.11 -14.21 -20.41
CA SER A 202 10.43 -15.58 -19.94
C SER A 202 11.42 -16.27 -20.89
N LEU A 203 11.68 -17.54 -20.62
CA LEU A 203 12.48 -18.41 -21.50
C LEU A 203 11.54 -19.18 -22.44
N PRO A 204 11.93 -19.31 -23.73
CA PRO A 204 11.22 -20.17 -24.65
C PRO A 204 10.77 -21.46 -23.95
N VAL A 205 9.47 -21.68 -23.95
CA VAL A 205 8.81 -22.96 -23.57
C VAL A 205 8.18 -23.57 -24.82
N PHE A 206 8.13 -24.91 -24.91
CA PHE A 206 7.76 -25.59 -26.16
C PHE A 206 6.57 -26.48 -25.87
N LEU A 207 5.51 -26.30 -26.65
CA LEU A 207 4.30 -27.16 -26.55
C LEU A 207 4.31 -28.10 -27.75
N SER A 208 4.22 -29.39 -27.47
CA SER A 208 4.24 -30.41 -28.52
C SER A 208 2.81 -30.87 -28.74
N ILE A 209 2.18 -30.42 -29.83
CA ILE A 209 0.87 -30.98 -30.23
C ILE A 209 1.05 -32.27 -31.06
N SER A 210 0.13 -33.22 -30.97
CA SER A 210 0.14 -34.45 -31.78
C SER A 210 -1.23 -34.62 -32.40
N VAL A 211 -1.32 -34.79 -33.72
CA VAL A 211 -2.67 -34.79 -34.32
C VAL A 211 -3.12 -36.25 -34.36
N VAL A 212 -4.40 -36.53 -34.10
CA VAL A 212 -4.92 -37.93 -34.13
C VAL A 212 -5.78 -38.16 -35.37
N ASP A 213 -5.40 -39.10 -36.24
CA ASP A 213 -6.18 -39.37 -37.48
C ASP A 213 -7.50 -40.01 -37.10
N GLN A 214 -8.60 -39.41 -37.50
CA GLN A 214 -9.94 -39.96 -37.23
C GLN A 214 -10.68 -40.19 -38.53
N PRO A 215 -10.31 -41.27 -39.26
CA PRO A 215 -10.74 -41.44 -40.66
C PRO A 215 -12.18 -41.95 -40.81
N ASN B 1 -15.76 -32.16 -24.65
CA ASN B 1 -15.49 -31.72 -23.26
C ASN B 1 -15.36 -30.19 -23.23
N VAL B 2 -15.79 -29.56 -22.16
CA VAL B 2 -15.61 -28.09 -21.92
C VAL B 2 -14.72 -27.99 -20.69
N ALA B 3 -13.78 -27.03 -20.72
CA ALA B 3 -12.81 -26.83 -19.62
C ALA B 3 -13.58 -26.37 -18.38
N PRO B 4 -13.24 -26.91 -17.18
CA PRO B 4 -13.86 -26.43 -15.96
C PRO B 4 -13.55 -24.92 -15.88
N LYS B 5 -14.52 -24.12 -15.49
CA LYS B 5 -14.34 -22.66 -15.32
C LYS B 5 -14.41 -22.31 -13.83
N PHE B 6 -13.36 -21.63 -13.33
CA PHE B 6 -13.32 -21.18 -11.90
C PHE B 6 -14.37 -20.10 -11.69
N LEU B 7 -14.85 -19.95 -10.46
CA LEU B 7 -15.81 -18.88 -10.17
C LEU B 7 -15.03 -17.58 -10.20
N ALA B 8 -15.72 -16.46 -10.10
CA ALA B 8 -15.15 -15.11 -10.30
C ALA B 8 -14.57 -14.52 -8.98
N ASN B 9 -14.54 -15.30 -7.90
CA ASN B 9 -13.94 -14.79 -6.65
C ASN B 9 -12.57 -15.44 -6.47
N MET B 10 -12.15 -16.32 -7.40
CA MET B 10 -10.92 -17.11 -7.27
C MET B 10 -9.78 -16.30 -7.83
N THR B 11 -9.97 -15.01 -8.01
CA THR B 11 -8.85 -14.21 -8.54
C THR B 11 -8.03 -13.74 -7.35
N SER B 12 -8.66 -13.54 -6.19
CA SER B 12 -7.97 -13.01 -4.98
C SER B 12 -8.72 -13.48 -3.76
N VAL B 13 -8.00 -13.70 -2.69
CA VAL B 13 -8.63 -13.97 -1.37
C VAL B 13 -8.00 -13.05 -0.34
N ILE B 14 -8.77 -12.45 0.54
CA ILE B 14 -8.16 -11.65 1.62
C ILE B 14 -8.14 -12.58 2.84
N LEU B 15 -6.98 -12.87 3.42
CA LEU B 15 -6.88 -13.67 4.67
C LEU B 15 -6.18 -12.86 5.77
N PRO B 16 -6.72 -12.78 7.00
CA PRO B 16 -6.05 -12.10 8.10
C PRO B 16 -4.84 -12.89 8.56
N GLU B 17 -3.89 -12.25 9.25
CA GLU B 17 -2.58 -12.87 9.67
C GLU B 17 -2.69 -13.54 11.03
N ASP B 18 -3.77 -13.36 11.78
CA ASP B 18 -3.94 -13.99 13.11
C ASP B 18 -4.58 -15.36 12.83
N LEU B 19 -5.03 -15.65 11.61
CA LEU B 19 -5.78 -16.90 11.26
C LEU B 19 -4.96 -18.06 11.81
N PRO B 20 -5.58 -18.91 12.66
CA PRO B 20 -4.91 -20.09 13.18
C PRO B 20 -4.56 -21.09 12.06
N VAL B 21 -3.55 -21.94 12.29
CA VAL B 21 -3.09 -22.96 11.30
C VAL B 21 -4.03 -24.16 11.37
N GLY B 22 -4.28 -24.86 10.27
CA GLY B 22 -5.37 -25.86 10.23
C GLY B 22 -6.77 -25.23 10.15
N ALA B 23 -6.91 -23.91 10.10
CA ALA B 23 -8.20 -23.23 9.93
C ALA B 23 -8.70 -23.35 8.48
N GLN B 24 -10.00 -23.55 8.26
CA GLN B 24 -10.58 -23.57 6.86
C GLN B 24 -10.43 -22.15 6.34
N ALA B 25 -9.64 -21.98 5.30
CA ALA B 25 -9.26 -20.65 4.82
C ALA B 25 -10.32 -20.22 3.80
N PHE B 26 -10.52 -21.06 2.79
CA PHE B 26 -11.44 -20.82 1.65
C PHE B 26 -11.64 -22.13 0.91
N TRP B 27 -12.43 -22.07 -0.17
CA TRP B 27 -12.78 -23.23 -1.04
C TRP B 27 -12.43 -22.89 -2.48
N LEU B 28 -11.69 -23.76 -3.17
CA LEU B 28 -11.49 -23.69 -4.66
C LEU B 28 -12.77 -24.21 -5.34
N VAL B 29 -13.52 -23.35 -6.00
CA VAL B 29 -14.83 -23.71 -6.58
C VAL B 29 -14.81 -23.40 -8.06
N ALA B 30 -15.26 -24.35 -8.85
CA ALA B 30 -15.29 -24.23 -10.31
C ALA B 30 -16.55 -24.89 -10.84
N GLU B 31 -16.85 -24.67 -12.10
CA GLU B 31 -18.05 -25.28 -12.71
C GLU B 31 -17.75 -25.84 -14.08
N ASP B 32 -18.29 -26.99 -14.36
CA ASP B 32 -18.06 -27.71 -15.62
C ASP B 32 -19.46 -27.83 -16.17
N GLN B 33 -19.59 -27.54 -17.44
CA GLN B 33 -20.85 -27.72 -18.20
C GLN B 33 -21.21 -29.21 -18.33
N ASP B 34 -20.23 -30.09 -18.46
CA ASP B 34 -20.42 -31.55 -18.63
C ASP B 34 -20.65 -32.23 -17.28
N ASN B 35 -20.53 -31.49 -16.17
CA ASN B 35 -20.54 -32.11 -14.81
C ASN B 35 -19.48 -33.20 -14.63
N ASP B 36 -18.35 -33.11 -15.34
CA ASP B 36 -17.29 -34.10 -15.09
C ASP B 36 -16.85 -33.99 -13.63
N PRO B 37 -16.41 -35.07 -12.96
CA PRO B 37 -15.79 -34.91 -11.65
C PRO B 37 -14.57 -33.94 -11.69
N LEU B 38 -14.46 -33.05 -10.70
CA LEU B 38 -13.41 -31.99 -10.69
C LEU B 38 -12.37 -32.29 -9.61
N THR B 39 -11.09 -32.13 -9.94
CA THR B 39 -9.99 -32.36 -8.99
C THR B 39 -9.23 -31.05 -8.85
N TYR B 40 -9.10 -30.56 -7.63
CA TYR B 40 -8.47 -29.24 -7.37
C TYR B 40 -7.01 -29.42 -6.91
N GLY B 41 -6.18 -28.42 -7.21
CA GLY B 41 -4.73 -28.37 -6.89
C GLY B 41 -4.24 -26.94 -6.75
N MET B 42 -3.15 -26.77 -6.02
CA MET B 42 -2.41 -25.52 -5.84
C MET B 42 -0.93 -25.82 -6.05
N SER B 43 -0.20 -24.97 -6.72
CA SER B 43 1.23 -25.22 -7.01
C SER B 43 2.04 -23.93 -6.87
N GLY B 44 3.36 -24.05 -7.10
CA GLY B 44 4.32 -22.93 -7.20
C GLY B 44 5.02 -22.65 -5.89
N PRO B 45 5.99 -21.71 -5.86
CA PRO B 45 6.80 -21.45 -4.67
C PRO B 45 6.11 -21.13 -3.32
N ASN B 46 4.89 -20.55 -3.31
CA ASN B 46 4.23 -20.03 -2.07
C ASN B 46 3.03 -20.89 -1.67
N ALA B 47 2.94 -22.12 -2.16
CA ALA B 47 1.80 -23.04 -1.94
C ALA B 47 1.98 -23.84 -0.65
N TYR B 48 3.07 -23.62 0.07
CA TYR B 48 3.38 -24.28 1.36
C TYR B 48 2.44 -23.76 2.45
N PHE B 49 1.82 -22.60 2.24
CA PHE B 49 1.01 -21.94 3.28
C PHE B 49 -0.35 -22.61 3.28
N PHE B 50 -0.61 -23.46 2.32
CA PHE B 50 -1.98 -23.95 2.06
C PHE B 50 -2.00 -25.46 1.90
N ALA B 51 -3.20 -26.04 1.90
CA ALA B 51 -3.43 -27.50 1.93
C ALA B 51 -4.78 -27.78 1.30
N VAL B 52 -4.75 -28.01 -0.01
CA VAL B 52 -5.98 -28.23 -0.80
C VAL B 52 -6.41 -29.69 -0.64
N THR B 53 -7.68 -29.93 -0.35
CA THR B 53 -8.26 -31.30 -0.42
C THR B 53 -8.59 -31.54 -1.88
N PRO B 54 -7.93 -32.51 -2.57
CA PRO B 54 -7.94 -32.53 -4.03
C PRO B 54 -9.29 -32.94 -4.64
N LYS B 55 -10.33 -33.15 -3.85
CA LYS B 55 -11.62 -33.65 -4.40
C LYS B 55 -12.80 -32.73 -4.07
N THR B 56 -12.71 -32.00 -2.98
CA THR B 56 -13.72 -31.04 -2.51
C THR B 56 -13.22 -29.66 -2.89
N GLY B 57 -11.94 -29.38 -2.73
CA GLY B 57 -11.37 -28.03 -2.89
C GLY B 57 -11.24 -27.29 -1.56
N GLU B 58 -11.42 -27.95 -0.42
CA GLU B 58 -11.23 -27.28 0.87
C GLU B 58 -9.75 -26.94 1.00
N VAL B 59 -9.44 -25.66 1.16
CA VAL B 59 -8.04 -25.27 1.41
C VAL B 59 -8.00 -24.92 2.86
N LYS B 60 -7.04 -25.46 3.62
CA LYS B 60 -6.78 -24.95 4.98
C LYS B 60 -5.35 -24.51 5.11
N LEU B 61 -5.13 -23.52 5.97
CA LEU B 61 -3.81 -22.95 6.27
C LEU B 61 -2.84 -24.07 6.78
N ALA B 62 -1.65 -24.22 6.19
CA ALA B 62 -0.62 -25.19 6.60
C ALA B 62 0.67 -24.53 7.11
N SER B 63 0.84 -23.21 6.91
CA SER B 63 1.92 -22.43 7.53
C SER B 63 1.36 -21.09 8.05
N ALA B 64 1.98 -20.49 9.08
CA ALA B 64 1.60 -19.14 9.57
C ALA B 64 1.71 -18.08 8.45
N LEU B 65 0.81 -17.09 8.51
CA LEU B 65 0.90 -15.89 7.67
C LEU B 65 1.48 -14.75 8.54
N ASP B 66 2.40 -13.94 8.03
CA ASP B 66 2.81 -12.70 8.72
C ASP B 66 2.79 -11.51 7.72
N TYR B 67 2.14 -10.39 8.06
CA TYR B 67 2.20 -9.14 7.27
C TYR B 67 3.59 -8.53 7.35
N GLU B 68 4.37 -8.93 8.34
CA GLU B 68 5.74 -8.39 8.61
C GLU B 68 6.81 -9.32 8.05
N THR B 69 6.42 -10.28 7.22
CA THR B 69 7.32 -11.16 6.41
C THR B 69 6.85 -11.26 4.95
N LEU B 70 5.54 -11.52 4.67
CA LEU B 70 4.97 -11.55 3.31
C LEU B 70 3.60 -10.91 3.26
N TYR B 71 3.46 -9.64 2.95
CA TYR B 71 2.16 -8.97 3.07
C TYR B 71 1.18 -9.41 1.98
N THR B 72 1.68 -9.88 0.85
CA THR B 72 0.80 -10.32 -0.24
C THR B 72 1.66 -11.21 -1.10
N PHE B 73 1.10 -12.21 -1.71
CA PHE B 73 1.86 -13.19 -2.53
C PHE B 73 0.88 -13.83 -3.52
N LYS B 74 1.37 -14.65 -4.43
CA LYS B 74 0.54 -15.20 -5.54
C LYS B 74 0.61 -16.72 -5.47
N VAL B 75 -0.43 -17.44 -5.88
CA VAL B 75 -0.40 -18.92 -5.91
C VAL B 75 -1.09 -19.42 -7.17
N THR B 76 -0.74 -20.64 -7.61
CA THR B 76 -1.26 -21.19 -8.88
C THR B 76 -2.36 -22.15 -8.53
N ILE B 77 -3.62 -21.76 -8.74
CA ILE B 77 -4.73 -22.69 -8.49
C ILE B 77 -5.02 -23.49 -9.76
N SER B 78 -5.62 -24.66 -9.61
CA SER B 78 -5.84 -25.62 -10.69
C SER B 78 -7.18 -26.33 -10.49
N VAL B 79 -7.94 -26.41 -11.59
CA VAL B 79 -9.15 -27.26 -11.72
C VAL B 79 -8.95 -28.06 -12.99
N SER B 80 -9.36 -29.30 -12.95
CA SER B 80 -9.00 -30.27 -13.98
C SER B 80 -10.19 -31.19 -14.08
N ASP B 81 -10.67 -31.37 -15.29
CA ASP B 81 -11.59 -32.49 -15.58
C ASP B 81 -10.79 -33.68 -16.12
N PRO B 82 -11.43 -34.82 -16.46
CA PRO B 82 -10.72 -35.97 -17.01
C PRO B 82 -9.94 -35.72 -18.31
N TYR B 83 -10.01 -34.52 -18.85
CA TYR B 83 -9.43 -34.22 -20.20
C TYR B 83 -8.56 -32.94 -20.22
N ILE B 84 -8.66 -32.02 -19.27
CA ILE B 84 -7.93 -30.72 -19.35
C ILE B 84 -7.65 -30.21 -17.95
N GLN B 85 -6.51 -29.56 -17.77
CA GLN B 85 -6.16 -28.87 -16.51
C GLN B 85 -6.21 -27.39 -16.82
N VAL B 86 -7.00 -26.62 -16.07
CA VAL B 86 -7.02 -25.13 -16.16
C VAL B 86 -6.25 -24.60 -14.95
N GLN B 87 -5.10 -24.03 -15.21
CA GLN B 87 -4.30 -23.35 -14.16
C GLN B 87 -4.52 -21.83 -14.20
N ARG B 88 -4.73 -21.24 -13.04
CA ARG B 88 -4.96 -19.77 -12.94
C ARG B 88 -4.29 -19.27 -11.68
N GLU B 89 -4.03 -17.98 -11.62
CA GLU B 89 -3.27 -17.36 -10.51
C GLU B 89 -4.24 -16.66 -9.56
N MET B 90 -3.93 -16.75 -8.27
CA MET B 90 -4.71 -16.14 -7.18
C MET B 90 -3.77 -15.24 -6.37
N LEU B 91 -4.15 -14.00 -6.14
CA LEU B 91 -3.39 -13.11 -5.22
C LEU B 91 -3.92 -13.29 -3.79
N VAL B 92 -3.05 -13.64 -2.87
CA VAL B 92 -3.35 -13.70 -1.41
C VAL B 92 -3.00 -12.36 -0.76
N ILE B 93 -3.99 -11.65 -0.21
CA ILE B 93 -3.81 -10.33 0.47
C ILE B 93 -3.91 -10.64 1.96
N VAL B 94 -2.82 -10.47 2.68
CA VAL B 94 -2.73 -10.74 4.15
C VAL B 94 -3.02 -9.44 4.92
N GLU B 95 -3.66 -9.56 6.08
CA GLU B 95 -4.20 -8.40 6.83
C GLU B 95 -3.39 -8.27 8.14
N ASP B 96 -3.08 -7.02 8.52
CA ASP B 96 -2.23 -6.75 9.70
C ASP B 96 -3.11 -6.81 10.93
N ARG B 97 -2.68 -7.57 11.93
CA ARG B 97 -3.29 -7.54 13.30
C ARG B 97 -2.20 -7.15 14.33
N ASN B 98 -2.54 -6.59 15.48
CA ASN B 98 -1.50 -6.19 16.47
C ASN B 98 -0.92 -7.46 17.09
N ASP B 99 0.07 -8.06 16.44
CA ASP B 99 0.57 -9.42 16.79
C ASP B 99 1.92 -9.23 17.52
N ASN B 100 2.47 -8.03 17.54
CA ASN B 100 3.83 -7.76 18.06
C ASN B 100 3.74 -6.67 19.12
N ALA B 101 4.60 -6.77 20.10
CA ALA B 101 4.56 -5.85 21.25
C ALA B 101 5.84 -5.06 21.32
N PRO B 102 5.84 -3.87 21.94
CA PRO B 102 7.05 -3.07 22.04
C PRO B 102 8.16 -3.90 22.69
N VAL B 103 9.36 -3.84 22.10
CA VAL B 103 10.58 -4.54 22.61
C VAL B 103 11.60 -3.47 22.98
N PHE B 104 12.10 -3.48 24.21
CA PHE B 104 13.14 -2.51 24.64
C PHE B 104 14.51 -2.83 24.00
N GLN B 105 15.36 -1.79 23.77
CA GLN B 105 16.68 -1.92 23.09
C GLN B 105 17.71 -2.52 24.04
N ASN B 106 18.39 -1.75 24.91
CA ASN B 106 19.46 -2.32 25.81
C ASN B 106 18.85 -3.16 26.94
N PHE B 109 20.81 -0.64 31.54
CA PHE B 109 19.77 0.35 31.92
C PHE B 109 20.10 0.97 33.27
N SER B 110 21.11 1.82 33.32
CA SER B 110 21.61 2.41 34.58
C SER B 110 22.36 3.70 34.26
N THR B 111 21.97 4.76 34.91
CA THR B 111 22.65 6.08 34.83
C THR B 111 23.05 6.50 36.25
N SER B 112 23.59 7.71 36.35
CA SER B 112 24.13 8.29 37.59
C SER B 112 24.03 9.81 37.44
N ILE B 113 23.06 10.44 38.07
CA ILE B 113 22.84 11.90 37.90
C ILE B 113 23.23 12.68 39.17
N ASN B 114 23.65 13.94 39.01
CA ASN B 114 24.13 14.81 40.13
C ASN B 114 22.92 15.24 40.97
N GLU B 115 23.12 15.53 42.26
CA GLU B 115 21.98 15.85 43.16
C GLU B 115 21.62 17.32 43.03
N THR B 116 22.44 18.09 42.33
CA THR B 116 22.25 19.56 42.16
C THR B 116 21.53 19.78 40.83
N LEU B 117 21.32 18.72 40.01
CA LEU B 117 20.61 18.76 38.69
C LEU B 117 19.34 19.59 38.86
N PRO B 118 19.09 20.52 37.92
CA PRO B 118 17.86 21.32 37.94
C PRO B 118 16.64 20.50 37.50
N VAL B 119 15.46 20.90 38.00
CA VAL B 119 14.14 20.36 37.52
C VAL B 119 14.02 20.49 35.99
N GLY B 120 13.46 19.50 35.28
CA GLY B 120 13.22 19.48 33.81
C GLY B 120 14.37 18.85 33.03
N SER B 121 15.57 18.85 33.61
CA SER B 121 16.76 18.14 33.11
C SER B 121 16.39 16.72 32.61
N VAL B 122 16.99 16.28 31.49
CA VAL B 122 16.85 14.87 31.00
C VAL B 122 17.88 14.02 31.75
N VAL B 123 17.39 13.08 32.54
CA VAL B 123 18.22 12.09 33.27
C VAL B 123 18.63 10.96 32.32
N PHE B 124 17.69 10.40 31.55
CA PHE B 124 17.96 9.21 30.72
C PHE B 124 16.94 9.22 29.58
N SER B 125 17.15 8.33 28.60
CA SER B 125 16.27 8.13 27.42
C SER B 125 16.19 6.66 27.12
N VAL B 126 14.99 6.18 26.78
CA VAL B 126 14.78 4.75 26.47
C VAL B 126 14.17 4.65 25.08
N LEU B 127 14.47 3.54 24.40
CA LEU B 127 13.76 3.28 23.13
C LEU B 127 13.17 1.88 23.17
N ALA B 128 12.06 1.73 22.48
CA ALA B 128 11.39 0.44 22.28
C ALA B 128 10.73 0.49 20.93
N VAL B 129 10.78 -0.62 20.22
CA VAL B 129 10.27 -0.72 18.84
C VAL B 129 9.27 -1.84 18.74
N ASP B 130 8.23 -1.66 17.93
CA ASP B 130 7.14 -2.66 17.67
C ASP B 130 7.27 -3.04 16.20
N LYS B 131 7.30 -4.34 15.89
CA LYS B 131 7.40 -4.78 14.48
C LYS B 131 6.22 -4.31 13.66
N ASP B 132 5.15 -3.91 14.33
CA ASP B 132 3.88 -3.52 13.67
C ASP B 132 4.09 -2.10 13.15
N MET B 133 3.30 -1.70 12.14
CA MET B 133 3.31 -0.33 11.54
C MET B 133 1.99 0.38 11.82
N GLY B 134 2.04 1.72 11.89
CA GLY B 134 0.90 2.60 12.19
C GLY B 134 0.64 2.69 13.66
N SER B 135 -0.63 2.78 14.02
CA SER B 135 -1.02 3.03 15.42
C SER B 135 -0.60 1.83 16.25
N ALA B 136 -0.50 0.64 15.64
CA ALA B 136 -0.14 -0.62 16.35
C ALA B 136 1.36 -0.72 16.59
N GLY B 137 2.12 0.20 16.00
CA GLY B 137 3.57 0.32 16.23
C GLY B 137 3.91 1.45 17.19
N MET B 138 2.96 2.35 17.47
CA MET B 138 3.32 3.60 18.16
C MET B 138 3.49 3.30 19.63
N VAL B 139 4.55 3.78 20.27
CA VAL B 139 4.86 3.32 21.65
C VAL B 139 4.52 4.41 22.67
N VAL B 140 3.90 4.04 23.78
CA VAL B 140 3.68 4.94 24.93
C VAL B 140 4.51 4.45 26.11
N TYR B 141 5.25 5.34 26.74
CA TYR B 141 6.19 4.97 27.82
C TYR B 141 5.54 5.29 29.17
N SER B 142 5.74 4.41 30.15
CA SER B 142 5.15 4.50 31.51
C SER B 142 6.17 4.10 32.59
N ILE B 143 6.27 4.88 33.65
CA ILE B 143 6.92 4.45 34.91
C ILE B 143 5.86 3.76 35.76
N GLU B 144 6.06 2.47 36.02
CA GLU B 144 5.05 1.65 36.73
C GLU B 144 5.30 1.65 38.23
N LYS B 145 6.57 1.82 38.64
CA LYS B 145 6.92 1.89 40.07
C LYS B 145 8.27 2.53 40.27
N VAL B 146 8.32 3.51 41.18
CA VAL B 146 9.66 3.98 41.64
C VAL B 146 9.86 3.39 43.03
N ILE B 147 11.03 2.80 43.25
CA ILE B 147 11.49 2.18 44.55
C ILE B 147 12.84 2.80 44.92
N PRO B 148 13.01 3.59 46.00
CA PRO B 148 12.07 3.63 47.12
C PRO B 148 10.77 4.40 46.78
N SER B 149 9.73 4.22 47.58
CA SER B 149 8.47 4.99 47.40
C SER B 149 8.45 6.20 48.35
N THR B 150 9.51 6.42 49.09
CA THR B 150 9.70 7.51 50.08
C THR B 150 9.99 8.85 49.43
N GLY B 151 9.31 9.92 49.83
CA GLY B 151 9.67 11.23 49.27
C GLY B 151 8.96 11.45 47.96
N ASP B 152 7.72 11.09 47.94
CA ASP B 152 7.01 11.35 46.69
C ASP B 152 7.81 10.75 45.54
N SER B 153 8.40 9.56 45.69
CA SER B 153 9.28 9.02 44.63
C SER B 153 8.42 8.85 43.39
N GLU B 154 7.15 8.56 43.62
CA GLU B 154 6.17 8.33 42.54
C GLU B 154 6.02 9.58 41.69
N HIS B 155 6.60 10.70 42.11
CA HIS B 155 6.40 12.02 41.44
C HIS B 155 7.73 12.71 41.14
N LEU B 156 8.88 12.10 41.40
CA LEU B 156 10.16 12.81 41.24
C LEU B 156 10.58 12.75 39.80
N PHE B 157 9.99 11.86 39.01
CA PHE B 157 10.40 11.56 37.62
C PHE B 157 9.17 11.43 36.74
N ARG B 158 9.26 11.96 35.53
CA ARG B 158 8.19 11.79 34.52
C ARG B 158 8.78 11.30 33.19
N ILE B 159 8.15 10.32 32.56
CA ILE B 159 8.53 9.88 31.20
C ILE B 159 7.66 10.63 30.17
N LEU B 160 8.23 10.93 29.02
CA LEU B 160 7.52 11.63 27.92
C LEU B 160 7.26 10.61 26.79
N ALA B 161 7.11 11.03 25.54
CA ALA B 161 6.82 10.18 24.37
C ALA B 161 8.08 9.76 23.63
N ASN B 162 9.12 10.60 23.63
CA ASN B 162 10.46 10.30 23.04
C ASN B 162 11.11 9.17 23.85
N GLY B 163 10.70 8.97 25.11
CA GLY B 163 11.37 8.05 26.03
C GLY B 163 12.33 8.79 26.91
N SER B 164 12.50 10.10 26.73
CA SER B 164 13.27 10.90 27.70
C SER B 164 12.65 10.77 29.11
N ILE B 165 13.47 10.48 30.12
CA ILE B 165 12.95 10.57 31.51
C ILE B 165 13.40 11.92 32.08
N VAL B 166 12.44 12.78 32.40
CA VAL B 166 12.67 14.17 32.88
C VAL B 166 12.47 14.25 34.41
N LEU B 167 13.27 15.09 35.06
CA LEU B 167 13.19 15.39 36.52
C LEU B 167 11.95 16.24 36.75
N ASN B 168 10.99 15.70 37.46
CA ASN B 168 9.79 16.46 37.85
C ASN B 168 9.95 16.83 39.34
N GLY B 169 11.15 16.95 39.87
CA GLY B 169 11.29 17.12 41.33
C GLY B 169 12.71 17.47 41.74
N SER B 170 12.97 17.48 43.04
CA SER B 170 14.31 17.83 43.57
C SER B 170 14.91 16.62 44.25
N LEU B 171 16.22 16.51 44.32
CA LEU B 171 16.86 15.32 44.93
C LEU B 171 17.70 15.75 46.10
N SER B 172 17.99 14.83 46.99
CA SER B 172 18.77 15.10 48.21
C SER B 172 19.49 13.82 48.61
N TYR B 173 20.79 13.70 48.33
CA TYR B 173 21.58 12.46 48.62
C TYR B 173 21.37 12.15 50.09
N ASN B 174 21.19 13.21 50.91
CA ASN B 174 21.16 13.06 52.40
C ASN B 174 19.75 13.15 52.98
N ASN B 175 18.74 13.60 52.27
CA ASN B 175 17.41 13.74 52.93
C ASN B 175 16.29 13.07 52.15
N LYS B 176 16.61 12.39 51.06
CA LYS B 176 15.63 11.54 50.34
C LYS B 176 16.21 10.18 50.00
N SER B 177 17.04 10.08 48.97
CA SER B 177 17.61 8.76 48.62
C SER B 177 18.80 8.97 47.71
N ALA B 178 19.75 8.04 47.82
CA ALA B 178 21.00 7.95 47.01
C ALA B 178 20.78 7.02 45.80
N PHE B 179 19.56 6.55 45.61
CA PHE B 179 19.30 5.48 44.64
C PHE B 179 17.82 5.28 44.49
N TYR B 180 17.36 5.35 43.24
CA TYR B 180 15.99 5.05 42.82
C TYR B 180 16.10 3.89 41.84
N GLN B 181 15.12 2.98 41.87
CA GLN B 181 14.91 2.02 40.77
C GLN B 181 13.57 2.33 40.13
N LEU B 182 13.57 2.67 38.84
CA LEU B 182 12.31 2.87 38.09
C LEU B 182 12.00 1.65 37.25
N GLU B 183 10.73 1.22 37.26
CA GLU B 183 10.24 0.12 36.41
C GLU B 183 9.54 0.78 35.26
N LEU B 184 9.87 0.36 34.06
CA LEU B 184 9.28 0.97 32.85
C LEU B 184 8.52 -0.03 31.99
N LYS B 185 7.34 0.35 31.52
CA LYS B 185 6.62 -0.48 30.53
C LYS B 185 6.60 0.24 29.18
N ALA B 186 6.33 -0.50 28.13
CA ALA B 186 6.09 0.07 26.80
C ALA B 186 4.81 -0.56 26.26
N CYS B 187 3.91 0.23 25.66
CA CYS B 187 2.60 -0.24 25.20
C CYS B 187 2.34 0.37 23.85
N ASP B 188 1.83 -0.38 22.91
CA ASP B 188 1.36 0.22 21.62
C ASP B 188 0.03 0.96 21.85
N LEU B 189 -0.18 1.99 21.05
CA LEU B 189 -1.40 2.83 21.10
C LEU B 189 -2.64 1.96 20.83
N GLY B 190 -2.50 0.84 20.11
CA GLY B 190 -3.46 -0.28 20.09
C GLY B 190 -3.65 -0.81 18.67
N GLY B 191 -4.44 -1.85 18.54
CA GLY B 191 -4.86 -2.35 17.23
C GLY B 191 -5.86 -3.48 17.37
N MET B 192 -6.10 -4.22 16.30
CA MET B 192 -7.04 -5.35 16.31
C MET B 192 -6.23 -6.66 16.46
N TYR B 193 -6.59 -7.50 17.41
CA TYR B 193 -6.10 -8.88 17.44
C TYR B 193 -7.27 -9.78 17.78
N HIS B 194 -7.54 -10.79 16.98
CA HIS B 194 -8.61 -11.79 17.25
C HIS B 194 -9.96 -11.10 17.32
N ASN B 195 -10.23 -10.21 16.35
CA ASN B 195 -11.51 -9.45 16.23
C ASN B 195 -11.77 -8.58 17.46
N THR B 196 -10.72 -8.14 18.15
CA THR B 196 -10.88 -7.52 19.47
C THR B 196 -9.74 -6.56 19.67
N PHE B 197 -10.07 -5.34 20.06
CA PHE B 197 -9.09 -4.25 20.26
C PHE B 197 -8.11 -4.67 21.35
N THR B 198 -6.85 -4.79 20.96
CA THR B 198 -5.75 -5.36 21.79
C THR B 198 -4.62 -4.32 21.92
N ILE B 199 -4.35 -3.89 23.13
CA ILE B 199 -3.09 -3.16 23.50
C ILE B 199 -2.05 -4.21 23.86
N GLN B 200 -1.01 -4.34 23.11
CA GLN B 200 0.09 -5.26 23.45
C GLN B 200 1.19 -4.45 24.13
N CYS B 201 1.57 -4.90 25.33
CA CYS B 201 2.54 -4.21 26.22
C CYS B 201 3.77 -5.08 26.29
N SER B 202 4.83 -4.51 26.81
CA SER B 202 6.16 -5.14 26.98
C SER B 202 6.31 -5.66 28.40
N LEU B 203 7.43 -6.33 28.60
CA LEU B 203 7.81 -6.90 29.91
C LEU B 203 8.55 -5.81 30.62
N PRO B 204 8.16 -5.49 31.85
CA PRO B 204 8.79 -4.41 32.58
C PRO B 204 10.32 -4.52 32.64
N VAL B 205 11.00 -3.49 32.16
CA VAL B 205 12.45 -3.30 32.33
C VAL B 205 12.69 -2.33 33.50
N PHE B 206 13.92 -2.29 34.02
CA PHE B 206 14.26 -1.59 35.29
C PHE B 206 15.44 -0.63 35.06
N LEU B 207 15.33 0.62 35.47
CA LEU B 207 16.41 1.63 35.27
C LEU B 207 16.96 2.02 36.63
N SER B 208 18.27 1.85 36.83
CA SER B 208 18.93 2.15 38.12
C SER B 208 19.62 3.50 38.08
N ILE B 209 18.98 4.51 38.60
CA ILE B 209 19.61 5.82 38.88
C ILE B 209 20.37 5.86 40.21
N SER B 210 21.57 6.44 40.16
CA SER B 210 22.46 6.66 41.33
C SER B 210 22.63 8.17 41.51
N VAL B 211 22.16 8.74 42.60
CA VAL B 211 22.27 10.21 42.86
C VAL B 211 23.63 10.50 43.43
N VAL B 212 24.27 11.55 42.93
CA VAL B 212 25.69 11.88 43.24
C VAL B 212 25.68 13.04 44.23
N ASP B 213 26.38 12.87 45.35
CA ASP B 213 26.49 13.90 46.41
C ASP B 213 27.57 14.86 46.01
N GLN B 214 27.21 16.12 45.74
CA GLN B 214 28.24 17.18 45.64
C GLN B 214 27.95 18.16 46.74
N PRO B 215 28.66 18.05 47.88
CA PRO B 215 28.39 18.94 49.01
C PRO B 215 29.00 20.32 48.69
N ASN C 1 -33.58 -19.12 -20.14
CA ASN C 1 -32.44 -18.20 -20.40
C ASN C 1 -31.34 -18.49 -19.38
N VAL C 2 -30.08 -18.59 -19.79
CA VAL C 2 -28.90 -18.65 -18.86
C VAL C 2 -28.26 -17.28 -18.83
N ALA C 3 -27.88 -16.85 -17.64
CA ALA C 3 -27.53 -15.45 -17.40
C ALA C 3 -26.18 -15.26 -18.05
N PRO C 4 -25.84 -14.08 -18.55
CA PRO C 4 -24.50 -13.87 -19.07
C PRO C 4 -23.53 -14.06 -17.89
N LYS C 5 -22.29 -14.45 -18.15
CA LYS C 5 -21.22 -14.56 -17.12
C LYS C 5 -19.97 -13.79 -17.53
N PHE C 6 -19.54 -12.82 -16.74
CA PHE C 6 -18.36 -11.96 -17.03
C PHE C 6 -17.13 -12.88 -17.13
N LEU C 7 -16.08 -12.52 -17.86
CA LEU C 7 -14.75 -13.16 -17.74
C LEU C 7 -14.15 -12.85 -16.38
N ALA C 8 -13.10 -13.55 -16.03
CA ALA C 8 -12.65 -13.61 -14.61
C ALA C 8 -11.66 -12.48 -14.36
N ASN C 9 -11.23 -11.80 -15.42
CA ASN C 9 -10.34 -10.62 -15.23
C ASN C 9 -11.18 -9.38 -14.89
N MET C 10 -12.52 -9.48 -14.88
CA MET C 10 -13.43 -8.32 -14.84
C MET C 10 -13.62 -7.94 -13.39
N THR C 11 -12.65 -8.32 -12.55
CA THR C 11 -12.77 -8.15 -11.08
C THR C 11 -11.92 -6.98 -10.70
N SER C 12 -11.05 -6.61 -11.60
CA SER C 12 -10.06 -5.56 -11.30
C SER C 12 -9.40 -5.10 -12.59
N VAL C 13 -8.91 -3.88 -12.55
CA VAL C 13 -8.10 -3.35 -13.67
C VAL C 13 -7.07 -2.42 -13.07
N ILE C 14 -5.82 -2.62 -13.45
CA ILE C 14 -4.69 -1.73 -13.10
C ILE C 14 -4.55 -0.76 -14.28
N LEU C 15 -4.87 0.50 -14.07
CA LEU C 15 -4.72 1.57 -15.10
C LEU C 15 -3.72 2.63 -14.63
N PRO C 16 -2.83 3.13 -15.53
CA PRO C 16 -1.83 4.15 -15.18
C PRO C 16 -2.47 5.54 -15.09
N GLU C 17 -1.89 6.37 -14.25
CA GLU C 17 -2.45 7.71 -14.00
C GLU C 17 -2.18 8.55 -15.25
N ASP C 18 -1.13 8.22 -16.03
CA ASP C 18 -0.68 9.01 -17.22
C ASP C 18 -1.68 8.72 -18.36
N LEU C 19 -2.55 7.72 -18.21
CA LEU C 19 -3.48 7.27 -19.29
C LEU C 19 -4.13 8.51 -19.86
N PRO C 20 -3.91 8.84 -21.15
CA PRO C 20 -4.51 10.00 -21.80
C PRO C 20 -6.02 9.83 -21.93
N VAL C 21 -6.77 10.91 -21.87
CA VAL C 21 -8.26 10.87 -21.93
C VAL C 21 -8.74 10.59 -23.36
N GLY C 22 -9.79 9.80 -23.54
CA GLY C 22 -10.23 9.36 -24.86
C GLY C 22 -9.52 8.10 -25.28
N ALA C 23 -8.72 7.49 -24.40
CA ALA C 23 -7.93 6.27 -24.69
C ALA C 23 -8.79 5.02 -24.34
N GLN C 24 -8.76 4.02 -25.21
CA GLN C 24 -9.38 2.71 -24.92
C GLN C 24 -8.70 2.26 -23.63
N ALA C 25 -9.43 2.28 -22.53
CA ALA C 25 -8.87 1.90 -21.23
C ALA C 25 -8.83 0.37 -21.17
N PHE C 26 -9.90 -0.28 -21.66
CA PHE C 26 -10.13 -1.75 -21.54
C PHE C 26 -11.45 -2.11 -22.22
N TRP C 27 -11.79 -3.40 -22.21
CA TRP C 27 -13.08 -3.91 -22.73
C TRP C 27 -13.82 -4.72 -21.64
N LEU C 28 -15.17 -4.64 -21.56
CA LEU C 28 -16.05 -5.45 -20.68
C LEU C 28 -16.41 -6.70 -21.45
N VAL C 29 -15.97 -7.86 -21.03
CA VAL C 29 -16.19 -9.07 -21.84
C VAL C 29 -16.89 -10.10 -20.98
N ALA C 30 -17.94 -10.73 -21.52
CA ALA C 30 -18.80 -11.68 -20.81
C ALA C 30 -19.23 -12.73 -21.79
N GLU C 31 -19.87 -13.76 -21.31
CA GLU C 31 -20.21 -14.92 -22.18
C GLU C 31 -21.60 -15.43 -21.89
N ASP C 32 -22.48 -15.49 -22.88
CA ASP C 32 -23.83 -16.09 -22.69
C ASP C 32 -23.75 -17.43 -23.40
N GLN C 33 -24.07 -18.52 -22.70
CA GLN C 33 -24.23 -19.86 -23.33
C GLN C 33 -25.32 -19.79 -24.39
N ASP C 34 -26.48 -19.17 -24.11
CA ASP C 34 -27.61 -19.06 -25.07
C ASP C 34 -27.15 -18.21 -26.24
N ASN C 35 -25.94 -17.68 -26.18
CA ASN C 35 -25.39 -16.78 -27.21
C ASN C 35 -26.41 -15.65 -27.47
N ASP C 36 -27.07 -15.15 -26.42
CA ASP C 36 -28.00 -14.00 -26.53
C ASP C 36 -27.18 -12.74 -26.83
N PRO C 37 -27.68 -11.77 -27.63
CA PRO C 37 -27.01 -10.49 -27.76
C PRO C 37 -26.95 -9.76 -26.39
N LEU C 38 -25.73 -9.35 -26.01
CA LEU C 38 -25.47 -8.79 -24.66
C LEU C 38 -25.46 -7.27 -24.71
N THR C 39 -25.82 -6.63 -23.60
CA THR C 39 -25.75 -5.16 -23.39
C THR C 39 -24.92 -4.88 -22.14
N TYR C 40 -23.82 -4.20 -22.31
CA TYR C 40 -22.96 -3.83 -21.17
C TYR C 40 -23.29 -2.40 -20.72
N GLY C 41 -22.93 -2.11 -19.49
CA GLY C 41 -22.84 -0.72 -19.04
C GLY C 41 -21.91 -0.60 -17.87
N MET C 42 -21.72 0.60 -17.38
CA MET C 42 -21.00 0.89 -16.13
C MET C 42 -21.89 1.79 -15.28
N SER C 43 -21.74 1.82 -13.97
CA SER C 43 -22.68 2.56 -13.11
C SER C 43 -21.99 2.95 -11.82
N GLY C 44 -22.59 3.97 -11.16
CA GLY C 44 -22.30 4.35 -9.76
C GLY C 44 -21.55 5.66 -9.66
N PRO C 45 -21.12 6.04 -8.45
CA PRO C 45 -20.52 7.35 -8.21
C PRO C 45 -19.21 7.68 -8.97
N ASN C 46 -18.48 6.67 -9.45
CA ASN C 46 -17.16 6.89 -10.06
C ASN C 46 -17.23 6.33 -11.48
N ALA C 47 -18.41 6.26 -12.11
CA ALA C 47 -18.50 5.81 -13.53
C ALA C 47 -18.24 6.98 -14.47
N TYR C 48 -18.17 8.19 -13.94
CA TYR C 48 -17.87 9.42 -14.71
C TYR C 48 -16.45 9.35 -15.30
N PHE C 49 -15.57 8.45 -14.85
CA PHE C 49 -14.18 8.36 -15.33
C PHE C 49 -14.14 7.59 -16.66
N PHE C 50 -15.25 7.00 -17.05
CA PHE C 50 -15.28 6.00 -18.14
C PHE C 50 -16.46 6.26 -19.07
N ALA C 51 -16.45 5.68 -20.25
CA ALA C 51 -17.51 5.86 -21.26
C ALA C 51 -17.63 4.59 -22.03
N VAL C 52 -18.60 3.76 -21.71
CA VAL C 52 -18.76 2.44 -22.39
C VAL C 52 -19.56 2.61 -23.70
N THR C 53 -19.20 1.89 -24.75
CA THR C 53 -20.09 1.67 -25.93
C THR C 53 -21.00 0.49 -25.65
N PRO C 54 -22.28 0.74 -25.26
CA PRO C 54 -23.13 -0.27 -24.62
C PRO C 54 -23.29 -1.57 -25.43
N LYS C 55 -22.97 -1.52 -26.70
CA LYS C 55 -23.20 -2.71 -27.56
C LYS C 55 -21.93 -3.57 -27.71
N THR C 56 -20.75 -2.94 -27.66
CA THR C 56 -19.43 -3.55 -27.94
C THR C 56 -18.76 -3.86 -26.60
N GLY C 57 -18.80 -2.92 -25.66
CA GLY C 57 -18.17 -3.02 -24.34
C GLY C 57 -16.83 -2.32 -24.33
N GLU C 58 -16.62 -1.37 -25.21
CA GLU C 58 -15.36 -0.64 -25.28
C GLU C 58 -15.44 0.45 -24.24
N VAL C 59 -14.51 0.48 -23.32
CA VAL C 59 -14.44 1.56 -22.31
C VAL C 59 -13.33 2.52 -22.69
N LYS C 60 -13.62 3.81 -22.66
CA LYS C 60 -12.60 4.84 -22.82
C LYS C 60 -12.58 5.79 -21.63
N LEU C 61 -11.38 6.22 -21.20
CA LEU C 61 -11.18 7.23 -20.14
C LEU C 61 -11.91 8.52 -20.53
N ALA C 62 -12.81 9.01 -19.71
CA ALA C 62 -13.62 10.20 -20.02
C ALA C 62 -13.25 11.35 -19.08
N SER C 63 -12.37 11.09 -18.11
CA SER C 63 -11.84 12.07 -17.15
C SER C 63 -10.42 11.62 -16.78
N ALA C 64 -9.62 12.47 -16.15
CA ALA C 64 -8.22 12.12 -15.82
C ALA C 64 -8.14 11.41 -14.47
N LEU C 65 -7.41 10.30 -14.44
CA LEU C 65 -7.07 9.61 -13.17
C LEU C 65 -5.93 10.38 -12.49
N ASP C 66 -6.04 10.61 -11.19
CA ASP C 66 -4.91 11.13 -10.38
C ASP C 66 -4.63 10.21 -9.17
N TYR C 67 -3.41 9.69 -8.99
CA TYR C 67 -3.10 8.82 -7.83
C TYR C 67 -3.03 9.71 -6.57
N GLU C 68 -3.14 11.03 -6.76
CA GLU C 68 -2.95 11.98 -5.64
C GLU C 68 -4.30 12.59 -5.31
N THR C 69 -5.35 12.06 -5.91
CA THR C 69 -6.77 12.42 -5.62
C THR C 69 -7.61 11.16 -5.35
N LEU C 70 -7.43 10.10 -6.13
CA LEU C 70 -8.12 8.83 -5.88
C LEU C 70 -7.23 7.64 -6.26
N TYR C 71 -6.42 7.14 -5.32
CA TYR C 71 -5.43 6.06 -5.63
C TYR C 71 -6.10 4.77 -6.14
N THR C 72 -7.31 4.48 -5.66
CA THR C 72 -8.08 3.27 -6.00
C THR C 72 -9.56 3.54 -5.71
N PHE C 73 -10.40 3.10 -6.62
CA PHE C 73 -11.85 3.25 -6.48
C PHE C 73 -12.59 2.01 -7.01
N LYS C 74 -13.92 2.01 -6.89
CA LYS C 74 -14.79 0.90 -7.36
C LYS C 74 -15.78 1.41 -8.40
N VAL C 75 -16.16 0.59 -9.37
CA VAL C 75 -17.31 0.89 -10.25
C VAL C 75 -18.23 -0.32 -10.32
N THR C 76 -19.44 -0.12 -10.82
CA THR C 76 -20.38 -1.22 -11.09
C THR C 76 -20.29 -1.50 -12.59
N ILE C 77 -20.18 -2.76 -12.97
CA ILE C 77 -20.18 -3.20 -14.40
C ILE C 77 -21.45 -4.04 -14.57
N SER C 78 -22.09 -3.96 -15.72
CA SER C 78 -23.33 -4.69 -15.99
C SER C 78 -23.22 -5.37 -17.33
N VAL C 79 -23.73 -6.57 -17.44
CA VAL C 79 -23.93 -7.27 -18.74
C VAL C 79 -25.38 -7.72 -18.69
N SER C 80 -26.14 -7.39 -19.69
CA SER C 80 -27.59 -7.67 -19.65
C SER C 80 -27.87 -8.55 -20.86
N ASP C 81 -28.39 -9.74 -20.67
CA ASP C 81 -28.98 -10.50 -21.80
C ASP C 81 -30.45 -10.09 -21.92
N PRO C 82 -31.21 -10.48 -22.98
CA PRO C 82 -32.58 -9.97 -23.16
C PRO C 82 -33.52 -10.22 -21.97
N TYR C 83 -33.10 -11.06 -21.01
CA TYR C 83 -33.99 -11.55 -19.90
C TYR C 83 -33.43 -11.23 -18.51
N ILE C 84 -32.16 -10.87 -18.37
CA ILE C 84 -31.54 -10.68 -17.03
C ILE C 84 -30.35 -9.73 -17.12
N GLN C 85 -30.10 -9.02 -16.01
CA GLN C 85 -28.95 -8.09 -15.82
C GLN C 85 -28.05 -8.65 -14.71
N VAL C 86 -26.82 -8.98 -15.06
CA VAL C 86 -25.78 -9.36 -14.07
C VAL C 86 -25.02 -8.11 -13.68
N GLN C 87 -25.09 -7.73 -12.43
CA GLN C 87 -24.33 -6.59 -11.90
C GLN C 87 -23.20 -7.16 -11.05
N ARG C 88 -22.01 -6.64 -11.24
CA ARG C 88 -20.78 -7.03 -10.50
C ARG C 88 -19.97 -5.80 -10.16
N GLU C 89 -19.08 -5.90 -9.16
CA GLU C 89 -18.19 -4.74 -8.88
C GLU C 89 -16.78 -4.97 -9.49
N MET C 90 -16.13 -3.89 -9.96
CA MET C 90 -14.74 -3.91 -10.46
C MET C 90 -13.90 -2.88 -9.69
N LEU C 91 -12.70 -3.26 -9.31
CA LEU C 91 -11.77 -2.40 -8.56
C LEU C 91 -10.87 -1.74 -9.59
N VAL C 92 -10.68 -0.44 -9.47
CA VAL C 92 -9.77 0.24 -10.43
C VAL C 92 -8.51 0.62 -9.62
N ILE C 93 -7.38 -0.01 -9.95
CA ILE C 93 -6.07 0.18 -9.26
C ILE C 93 -5.31 1.15 -10.11
N VAL C 94 -5.15 2.37 -9.62
CA VAL C 94 -4.45 3.42 -10.42
C VAL C 94 -2.96 3.33 -10.07
N GLU C 95 -2.08 3.67 -11.02
CA GLU C 95 -0.61 3.50 -10.89
C GLU C 95 0.00 4.90 -10.84
N ASP C 96 0.95 5.14 -9.92
CA ASP C 96 1.57 6.48 -9.77
C ASP C 96 2.56 6.67 -10.91
N ARG C 97 2.61 7.88 -11.48
CA ARG C 97 3.58 8.32 -12.52
C ARG C 97 4.22 9.61 -12.01
N ASN C 98 5.36 10.01 -12.58
CA ASN C 98 6.04 11.28 -12.16
C ASN C 98 5.39 12.40 -12.93
N ASP C 99 4.21 12.80 -12.44
CA ASP C 99 3.39 13.81 -13.15
C ASP C 99 3.64 15.19 -12.53
N ASN C 100 4.04 15.25 -11.26
CA ASN C 100 4.07 16.51 -10.49
C ASN C 100 5.51 16.94 -10.34
N ALA C 101 5.73 18.25 -10.36
CA ALA C 101 7.06 18.87 -10.30
C ALA C 101 7.25 19.60 -8.98
N PRO C 102 8.49 19.76 -8.50
CA PRO C 102 8.75 20.47 -7.27
C PRO C 102 8.25 21.90 -7.41
N VAL C 103 7.61 22.40 -6.37
CA VAL C 103 7.08 23.79 -6.37
C VAL C 103 7.64 24.51 -5.15
N PHE C 104 8.37 25.59 -5.39
CA PHE C 104 9.00 26.44 -4.34
C PHE C 104 7.90 27.10 -3.54
N GLN C 105 8.24 27.44 -2.32
CA GLN C 105 7.18 27.87 -1.41
C GLN C 105 7.53 29.16 -0.70
N ASN C 106 8.35 30.05 -1.21
CA ASN C 106 8.95 30.97 -0.22
C ASN C 106 8.32 32.32 -0.38
N THR C 107 8.11 32.79 -1.61
CA THR C 107 7.52 34.11 -1.89
C THR C 107 8.52 35.18 -1.50
N ALA C 108 9.58 34.92 -0.73
CA ALA C 108 10.60 35.90 -0.34
C ALA C 108 11.97 35.31 -0.55
N PHE C 109 12.71 36.00 -1.38
CA PHE C 109 13.92 35.47 -2.05
C PHE C 109 14.87 36.62 -2.16
N SER C 110 15.20 37.18 -1.00
CA SER C 110 16.10 38.35 -0.90
C SER C 110 16.69 38.26 0.49
N THR C 111 17.97 38.55 0.63
CA THR C 111 18.69 38.37 1.90
C THR C 111 19.93 39.26 1.91
N SER C 112 20.29 39.78 3.07
CA SER C 112 21.44 40.68 3.29
C SER C 112 22.36 40.08 4.35
N ILE C 113 23.43 39.43 3.93
CA ILE C 113 24.49 38.88 4.84
C ILE C 113 25.68 39.81 5.00
N ASN C 114 26.36 39.72 6.13
CA ASN C 114 27.51 40.61 6.42
C ASN C 114 28.78 40.01 5.82
N GLU C 115 29.68 40.86 5.36
CA GLU C 115 30.99 40.45 4.76
C GLU C 115 31.94 39.77 5.77
N THR C 116 31.85 40.05 7.09
CA THR C 116 32.64 39.36 8.13
C THR C 116 31.84 38.15 8.63
N LEU C 117 31.23 37.38 7.72
CA LEU C 117 30.47 36.15 8.05
C LEU C 117 31.41 34.97 7.90
N PRO C 118 31.64 34.11 8.92
CA PRO C 118 32.50 32.95 8.73
C PRO C 118 31.96 31.99 7.63
N VAL C 119 32.87 31.13 7.17
CA VAL C 119 32.60 30.06 6.16
C VAL C 119 31.76 28.98 6.81
N GLY C 120 30.88 28.34 6.04
CA GLY C 120 29.96 27.25 6.43
C GLY C 120 28.75 27.79 7.13
N SER C 121 28.60 29.11 7.24
CA SER C 121 27.41 29.78 7.79
C SER C 121 26.23 29.58 6.85
N VAL C 122 25.04 29.24 7.36
CA VAL C 122 23.79 29.22 6.55
C VAL C 122 23.42 30.67 6.20
N VAL C 123 23.29 30.99 4.90
CA VAL C 123 22.83 32.34 4.47
C VAL C 123 21.33 32.34 4.27
N PHE C 124 20.75 31.31 3.64
CA PHE C 124 19.29 31.29 3.33
C PHE C 124 18.80 29.85 3.33
N SER C 125 17.49 29.73 3.45
CA SER C 125 16.76 28.46 3.42
C SER C 125 15.62 28.53 2.40
N VAL C 126 15.52 27.51 1.53
CA VAL C 126 14.40 27.45 0.55
C VAL C 126 13.70 26.16 0.83
N LEU C 127 12.44 26.10 0.43
CA LEU C 127 11.81 24.77 0.48
C LEU C 127 10.93 24.58 -0.75
N ALA C 128 10.99 23.38 -1.31
CA ALA C 128 10.15 23.02 -2.44
C ALA C 128 9.52 21.70 -2.07
N VAL C 129 8.36 21.42 -2.67
CA VAL C 129 7.54 20.22 -2.37
C VAL C 129 6.97 19.62 -3.65
N ASP C 130 7.14 18.31 -3.89
CA ASP C 130 6.52 17.62 -5.04
C ASP C 130 5.29 16.91 -4.49
N LYS C 131 4.18 16.98 -5.19
CA LYS C 131 2.89 16.40 -4.77
C LYS C 131 3.00 14.88 -4.87
N ASP C 132 3.78 14.41 -5.85
CA ASP C 132 4.10 12.98 -6.05
C ASP C 132 4.74 12.47 -4.74
N MET C 133 4.74 11.17 -4.45
CA MET C 133 5.28 10.58 -3.19
C MET C 133 6.35 9.55 -3.54
N GLY C 134 7.29 9.23 -2.61
CA GLY C 134 8.46 8.33 -2.82
C GLY C 134 9.68 9.06 -3.42
N SER C 135 10.49 8.35 -4.18
CA SER C 135 11.67 8.94 -4.88
C SER C 135 11.20 10.06 -5.86
N ALA C 136 9.93 10.00 -6.34
CA ALA C 136 9.34 10.91 -7.36
C ALA C 136 8.96 12.21 -6.69
N GLY C 137 8.96 12.22 -5.35
CA GLY C 137 8.71 13.45 -4.59
C GLY C 137 9.96 14.04 -3.95
N MET C 138 11.12 13.41 -4.11
CA MET C 138 12.35 13.75 -3.35
C MET C 138 13.04 14.94 -4.04
N VAL C 139 13.24 16.04 -3.28
CA VAL C 139 13.74 17.30 -3.87
C VAL C 139 15.27 17.34 -3.80
N VAL C 140 15.92 17.61 -4.95
CA VAL C 140 17.38 17.85 -5.00
C VAL C 140 17.50 19.33 -5.34
N TYR C 141 17.98 20.15 -4.42
CA TYR C 141 18.18 21.61 -4.69
C TYR C 141 19.50 21.89 -5.44
N SER C 142 19.51 22.79 -6.44
CA SER C 142 20.71 23.08 -7.28
C SER C 142 20.81 24.56 -7.56
N ILE C 143 22.01 25.12 -7.44
CA ILE C 143 22.34 26.48 -7.95
C ILE C 143 22.77 26.34 -9.42
N GLU C 144 21.99 26.89 -10.33
CA GLU C 144 22.23 26.80 -11.79
C GLU C 144 23.26 27.84 -12.24
N LYS C 145 23.07 29.10 -11.85
CA LYS C 145 23.94 30.21 -12.30
C LYS C 145 24.21 31.13 -11.13
N VAL C 146 25.35 31.83 -11.12
CA VAL C 146 25.55 32.98 -10.17
C VAL C 146 25.94 34.18 -11.02
N ILE C 147 25.25 35.31 -10.89
CA ILE C 147 25.55 36.56 -11.62
C ILE C 147 25.82 37.62 -10.56
N PRO C 148 27.09 37.97 -10.25
CA PRO C 148 28.22 37.92 -11.19
C PRO C 148 28.92 36.57 -11.29
N SER C 149 29.31 36.12 -12.48
CA SER C 149 30.12 34.87 -12.62
C SER C 149 31.62 35.21 -12.67
N THR C 150 32.36 35.03 -11.60
CA THR C 150 33.69 35.69 -11.42
C THR C 150 34.67 34.67 -10.84
N GLY C 151 34.49 33.39 -11.15
CA GLY C 151 35.39 32.28 -10.78
C GLY C 151 35.19 31.90 -9.34
N ASP C 152 35.29 32.89 -8.46
CA ASP C 152 35.19 32.68 -6.99
C ASP C 152 33.75 32.67 -6.61
N SER C 153 32.93 33.52 -7.27
CA SER C 153 31.47 33.54 -7.05
C SER C 153 30.84 32.16 -7.28
N GLU C 154 31.27 31.48 -8.35
CA GLU C 154 30.67 30.18 -8.73
C GLU C 154 31.01 29.12 -7.66
N HIS C 155 31.90 29.46 -6.73
CA HIS C 155 32.25 28.59 -5.57
C HIS C 155 32.08 29.26 -4.22
N LEU C 156 31.45 30.42 -4.12
CA LEU C 156 31.23 31.06 -2.79
C LEU C 156 30.04 30.41 -2.07
N PHE C 157 29.17 29.69 -2.79
CA PHE C 157 27.84 29.27 -2.29
C PHE C 157 27.57 27.83 -2.64
N ARG C 158 27.00 27.10 -1.69
CA ARG C 158 26.63 25.68 -1.90
C ARG C 158 25.30 25.40 -1.22
N ILE C 159 24.32 24.96 -1.98
CA ILE C 159 23.03 24.49 -1.42
C ILE C 159 23.19 23.04 -0.98
N LEU C 160 22.62 22.67 0.16
CA LEU C 160 22.64 21.31 0.72
C LEU C 160 21.24 20.79 0.51
N ALA C 161 20.93 19.57 0.91
CA ALA C 161 19.64 18.94 0.55
C ALA C 161 18.60 19.20 1.61
N ASN C 162 18.90 20.05 2.58
CA ASN C 162 17.90 20.56 3.53
C ASN C 162 17.29 21.89 2.99
N GLY C 163 17.67 22.35 1.81
CA GLY C 163 17.20 23.68 1.37
C GLY C 163 18.05 24.81 1.94
N SER C 164 19.09 24.47 2.68
CA SER C 164 20.02 25.49 3.23
C SER C 164 21.14 25.84 2.24
N ILE C 165 21.31 27.11 1.95
CA ILE C 165 22.51 27.65 1.24
C ILE C 165 23.52 28.06 2.31
N VAL C 166 24.71 27.50 2.22
CA VAL C 166 25.83 27.71 3.19
C VAL C 166 26.95 28.45 2.43
N LEU C 167 27.77 29.22 3.11
CA LEU C 167 28.91 29.92 2.49
C LEU C 167 30.09 28.96 2.36
N ASN C 168 30.67 28.83 1.17
CA ASN C 168 31.86 27.97 0.97
C ASN C 168 33.07 28.83 0.57
N GLY C 169 33.07 30.11 0.97
CA GLY C 169 34.12 31.06 0.55
C GLY C 169 34.30 32.22 1.48
N SER C 170 34.90 33.28 0.96
CA SER C 170 35.03 34.53 1.73
C SER C 170 34.62 35.72 0.87
N LEU C 171 34.14 36.77 1.51
CA LEU C 171 33.81 38.01 0.79
C LEU C 171 34.96 38.99 1.02
N SER C 172 36.02 38.76 0.28
CA SER C 172 37.21 39.64 0.31
C SER C 172 37.07 40.68 -0.76
N LYS C 176 35.48 41.59 -5.36
CA LYS C 176 34.22 40.94 -4.94
C LYS C 176 33.08 41.86 -5.30
N SER C 177 31.83 41.42 -5.22
CA SER C 177 30.68 42.30 -5.44
C SER C 177 29.92 42.52 -4.11
N ALA C 178 29.03 43.52 -4.05
CA ALA C 178 28.08 43.70 -2.93
C ALA C 178 26.77 43.02 -3.31
N PHE C 179 26.77 42.26 -4.39
CA PHE C 179 25.54 41.76 -5.01
C PHE C 179 25.76 40.40 -5.62
N TYR C 180 24.83 39.45 -5.48
CA TYR C 180 24.92 38.11 -6.12
C TYR C 180 23.53 37.57 -6.38
N GLN C 181 23.24 37.24 -7.62
CA GLN C 181 21.93 36.65 -7.95
C GLN C 181 22.18 35.16 -8.16
N LEU C 182 21.31 34.31 -7.65
CA LEU C 182 21.50 32.86 -7.70
C LEU C 182 20.28 32.26 -8.36
N GLU C 183 20.42 31.75 -9.58
CA GLU C 183 19.32 30.95 -10.14
C GLU C 183 19.28 29.62 -9.36
N LEU C 184 18.18 29.30 -8.69
CA LEU C 184 17.95 28.00 -8.01
C LEU C 184 16.91 27.16 -8.74
N LYS C 185 17.16 25.85 -8.89
CA LYS C 185 16.14 24.90 -9.37
C LYS C 185 15.98 23.84 -8.28
N ALA C 186 14.87 23.10 -8.36
CA ALA C 186 14.64 21.94 -7.48
C ALA C 186 14.03 20.81 -8.30
N CYS C 187 14.57 19.62 -8.22
CA CYS C 187 14.19 18.55 -9.17
C CYS C 187 13.85 17.35 -8.31
N ASP C 188 13.20 16.36 -8.90
CA ASP C 188 12.96 15.09 -8.21
C ASP C 188 14.08 14.11 -8.54
N LEU C 189 14.09 13.00 -7.82
CA LEU C 189 15.12 11.96 -8.01
C LEU C 189 14.75 11.10 -9.23
N GLY C 190 13.54 11.26 -9.70
CA GLY C 190 13.16 10.63 -10.95
C GLY C 190 11.97 9.76 -10.70
N GLY C 191 11.20 9.55 -11.73
CA GLY C 191 10.09 8.59 -11.78
C GLY C 191 9.80 8.20 -13.22
N MET C 192 8.73 7.47 -13.46
CA MET C 192 8.37 7.04 -14.82
C MET C 192 7.17 7.88 -15.26
N TYR C 193 7.26 8.50 -16.41
CA TYR C 193 6.16 9.27 -17.03
C TYR C 193 6.09 8.87 -18.51
N HIS C 194 4.94 8.49 -19.02
CA HIS C 194 4.78 7.96 -20.41
C HIS C 194 5.82 6.88 -20.78
N ASN C 195 5.97 5.80 -20.00
CA ASN C 195 6.90 4.64 -20.26
C ASN C 195 8.37 5.11 -20.35
N THR C 196 8.73 6.18 -19.63
CA THR C 196 10.07 6.81 -19.73
C THR C 196 10.46 7.37 -18.40
N PHE C 197 11.65 7.06 -17.97
CA PHE C 197 12.23 7.73 -16.78
C PHE C 197 12.17 9.24 -16.99
N THR C 198 11.38 9.98 -16.25
CA THR C 198 11.40 11.44 -16.35
C THR C 198 11.72 12.03 -14.98
N ILE C 199 12.79 12.82 -14.86
CA ILE C 199 13.06 13.77 -13.72
C ILE C 199 12.36 15.10 -13.98
N GLN C 200 11.25 15.43 -13.35
CA GLN C 200 10.55 16.74 -13.51
C GLN C 200 11.14 17.72 -12.51
N CYS C 201 11.60 18.84 -13.02
CA CYS C 201 12.34 19.85 -12.28
C CYS C 201 11.48 21.10 -12.29
N SER C 202 11.88 22.17 -11.66
CA SER C 202 11.01 23.36 -11.40
C SER C 202 11.36 24.50 -12.35
N LEU C 203 10.84 25.69 -12.03
CA LEU C 203 11.15 26.91 -12.79
C LEU C 203 12.15 27.72 -11.99
N PRO C 204 13.23 28.15 -12.64
CA PRO C 204 14.27 28.95 -12.00
C PRO C 204 13.68 29.96 -11.01
N VAL C 205 14.16 29.95 -9.79
CA VAL C 205 13.88 31.06 -8.85
C VAL C 205 15.20 31.77 -8.59
N PHE C 206 15.15 33.03 -8.22
CA PHE C 206 16.33 33.92 -8.14
C PHE C 206 16.48 34.43 -6.72
N LEU C 207 17.59 34.17 -6.06
CA LEU C 207 17.88 34.63 -4.68
C LEU C 207 18.88 35.76 -4.81
N SER C 208 18.45 36.99 -4.61
CA SER C 208 19.35 38.15 -4.65
C SER C 208 19.96 38.38 -3.25
N ILE C 209 21.25 38.18 -3.13
CA ILE C 209 22.01 38.33 -1.86
C ILE C 209 22.73 39.66 -1.93
N SER C 210 22.63 40.45 -0.87
CA SER C 210 23.23 41.79 -0.75
C SER C 210 24.26 41.70 0.37
N VAL C 211 25.49 42.08 0.09
CA VAL C 211 26.60 41.92 1.07
C VAL C 211 26.83 43.27 1.73
N VAL C 212 26.71 43.33 3.05
CA VAL C 212 26.70 44.60 3.81
C VAL C 212 28.10 44.74 4.34
N ASP C 213 28.63 45.96 4.33
CA ASP C 213 29.96 46.28 4.89
C ASP C 213 29.81 47.21 6.11
N ASN D 1 20.65 35.64 16.11
CA ASN D 1 19.45 34.86 16.39
C ASN D 1 19.59 33.41 15.89
N VAL D 2 19.29 32.42 16.71
CA VAL D 2 19.13 31.01 16.26
C VAL D 2 17.69 30.88 15.77
N ALA D 3 17.49 30.46 14.53
CA ALA D 3 16.18 30.13 13.94
C ALA D 3 15.49 29.05 14.78
N PRO D 4 14.14 29.08 14.89
CA PRO D 4 13.43 27.96 15.52
C PRO D 4 13.69 26.60 14.82
N LYS D 5 13.83 25.49 15.57
CA LYS D 5 14.12 24.11 15.08
C LYS D 5 12.98 23.17 15.48
N PHE D 6 12.34 22.54 14.49
CA PHE D 6 11.24 21.56 14.71
C PHE D 6 11.78 20.28 15.42
N LEU D 7 10.98 19.63 16.29
CA LEU D 7 11.26 18.29 16.88
C LEU D 7 11.27 17.26 15.76
N ALA D 8 11.95 16.12 15.87
CA ALA D 8 12.16 15.26 14.68
C ALA D 8 10.94 14.35 14.43
N ASN D 9 9.94 14.39 15.32
CA ASN D 9 8.65 13.72 15.07
C ASN D 9 7.83 14.53 14.07
N MET D 10 8.28 15.73 13.72
CA MET D 10 7.47 16.69 12.94
C MET D 10 7.56 16.41 11.45
N THR D 11 8.06 15.23 11.08
CA THR D 11 8.38 14.91 9.66
C THR D 11 7.20 14.09 9.16
N SER D 12 6.48 13.46 10.07
CA SER D 12 5.34 12.63 9.68
C SER D 12 4.37 12.49 10.85
N VAL D 13 3.07 12.26 10.53
CA VAL D 13 2.05 11.95 11.54
C VAL D 13 1.09 10.91 10.96
N ILE D 14 0.80 9.89 11.74
CA ILE D 14 -0.20 8.85 11.41
C ILE D 14 -1.49 9.28 12.11
N LEU D 15 -2.57 9.29 11.37
CA LEU D 15 -3.87 9.66 11.96
C LEU D 15 -4.91 8.67 11.42
N PRO D 16 -5.80 8.08 12.27
CA PRO D 16 -7.00 7.39 11.79
C PRO D 16 -8.05 8.16 10.98
N GLU D 17 -8.80 7.43 10.17
CA GLU D 17 -9.76 8.11 9.28
C GLU D 17 -11.04 8.40 10.07
N ASP D 18 -11.19 7.80 11.24
CA ASP D 18 -12.44 7.94 12.02
C ASP D 18 -12.36 9.19 12.95
N LEU D 19 -11.16 9.76 13.12
CA LEU D 19 -10.95 10.88 14.06
C LEU D 19 -12.04 11.91 13.79
N PRO D 20 -12.87 12.24 14.79
CA PRO D 20 -13.92 13.25 14.64
C PRO D 20 -13.30 14.64 14.39
N VAL D 21 -14.10 15.47 13.76
CA VAL D 21 -13.70 16.85 13.42
C VAL D 21 -13.84 17.63 14.71
N GLY D 22 -12.95 18.57 14.96
CA GLY D 22 -12.91 19.34 16.21
C GLY D 22 -11.95 18.71 17.17
N ALA D 23 -11.58 17.46 16.95
CA ALA D 23 -10.69 16.70 17.84
C ALA D 23 -9.25 17.18 17.71
N GLN D 24 -8.50 17.27 18.82
CA GLN D 24 -7.03 17.53 18.79
C GLN D 24 -6.36 16.37 18.04
N ALA D 25 -5.70 16.69 16.93
CA ALA D 25 -5.06 15.67 16.09
C ALA D 25 -3.63 15.50 16.64
N PHE D 26 -2.92 16.61 16.74
CA PHE D 26 -1.49 16.63 17.14
C PHE D 26 -1.13 18.06 17.52
N TRP D 27 0.12 18.24 17.89
CA TRP D 27 0.66 19.59 18.19
C TRP D 27 1.87 19.85 17.24
N LEU D 28 2.11 21.08 16.81
CA LEU D 28 3.40 21.46 16.18
C LEU D 28 4.35 21.98 17.27
N VAL D 29 5.44 21.30 17.58
CA VAL D 29 6.39 21.80 18.60
C VAL D 29 7.73 22.08 17.93
N ALA D 30 8.37 23.17 18.35
CA ALA D 30 9.68 23.62 17.87
C ALA D 30 10.44 24.29 19.02
N GLU D 31 11.77 24.31 18.92
CA GLU D 31 12.57 24.90 20.00
C GLU D 31 13.47 25.97 19.43
N ASP D 32 13.46 27.13 20.09
CA ASP D 32 14.42 28.22 19.83
C ASP D 32 15.50 28.24 20.92
N GLN D 33 16.78 28.20 20.54
CA GLN D 33 17.91 28.22 21.49
C GLN D 33 17.87 29.53 22.26
N ASP D 34 17.51 30.59 21.56
CA ASP D 34 17.43 31.98 22.08
C ASP D 34 16.24 32.10 23.00
N ASN D 35 15.44 31.03 23.05
CA ASN D 35 14.22 30.94 23.86
C ASN D 35 13.26 32.08 23.50
N ASP D 36 13.17 32.43 22.20
CA ASP D 36 12.27 33.48 21.58
C ASP D 36 10.83 32.96 21.57
N PRO D 37 9.80 33.85 21.59
CA PRO D 37 8.40 33.44 21.40
C PRO D 37 8.15 33.00 19.95
N LEU D 38 7.30 31.99 19.74
CA LEU D 38 7.16 31.27 18.44
C LEU D 38 5.70 31.33 18.00
N THR D 39 5.48 31.33 16.71
CA THR D 39 4.15 31.39 16.11
C THR D 39 4.07 30.32 15.04
N TYR D 40 2.98 29.61 15.06
CA TYR D 40 2.88 28.40 14.21
C TYR D 40 1.84 28.62 13.13
N GLY D 41 2.02 27.93 12.02
CA GLY D 41 1.06 27.91 10.91
C GLY D 41 1.19 26.62 10.14
N MET D 42 0.20 26.27 9.32
CA MET D 42 0.48 25.31 8.22
C MET D 42 -0.28 25.69 6.94
N SER D 43 0.38 25.50 5.83
CA SER D 43 0.00 26.07 4.53
C SER D 43 -0.05 24.88 3.58
N GLY D 44 -0.59 25.08 2.38
CA GLY D 44 -0.57 24.08 1.31
C GLY D 44 -1.98 23.74 0.87
N PRO D 45 -2.12 23.11 -0.30
CA PRO D 45 -3.34 22.60 -0.93
C PRO D 45 -4.17 21.70 -0.03
N ASN D 46 -3.53 20.88 0.79
CA ASN D 46 -4.24 19.93 1.67
C ASN D 46 -4.04 20.35 3.11
N ALA D 47 -4.06 21.63 3.42
CA ALA D 47 -3.93 22.07 4.81
C ALA D 47 -5.32 22.43 5.31
N TYR D 48 -6.34 22.11 4.52
CA TYR D 48 -7.73 22.52 4.81
C TYR D 48 -8.23 21.53 5.83
N PHE D 49 -7.54 20.40 5.91
CA PHE D 49 -8.00 19.30 6.79
C PHE D 49 -7.77 19.70 8.23
N PHE D 50 -7.20 20.85 8.55
CA PHE D 50 -6.65 21.14 9.90
C PHE D 50 -6.89 22.59 10.26
N ALA D 51 -6.61 22.94 11.51
CA ALA D 51 -6.63 24.33 12.01
C ALA D 51 -5.56 24.46 13.07
N VAL D 52 -4.53 25.23 12.80
CA VAL D 52 -3.47 25.53 13.80
C VAL D 52 -3.90 26.67 14.71
N THR D 53 -3.62 26.58 15.99
CA THR D 53 -3.73 27.72 16.92
C THR D 53 -2.38 28.38 16.88
N PRO D 54 -2.31 29.55 16.20
CA PRO D 54 -1.04 30.23 15.96
C PRO D 54 -0.07 30.28 17.15
N LYS D 55 -0.58 30.47 18.35
CA LYS D 55 0.29 30.86 19.43
C LYS D 55 0.68 29.64 20.24
N THR D 56 -0.06 28.55 20.09
CA THR D 56 0.11 27.32 20.92
C THR D 56 0.68 26.20 20.05
N GLY D 57 0.16 26.08 18.81
CA GLY D 57 0.50 24.99 17.88
C GLY D 57 -0.51 23.86 17.94
N GLU D 58 -1.65 24.06 18.60
CA GLU D 58 -2.66 23.00 18.71
C GLU D 58 -3.29 22.87 17.34
N VAL D 59 -3.16 21.71 16.71
CA VAL D 59 -3.83 21.47 15.42
C VAL D 59 -5.05 20.62 15.71
N LYS D 60 -6.20 21.02 15.21
CA LYS D 60 -7.44 20.21 15.28
C LYS D 60 -7.86 19.86 13.86
N LEU D 61 -8.49 18.72 13.69
CA LEU D 61 -9.18 18.35 12.43
C LEU D 61 -10.32 19.32 12.14
N ALA D 62 -10.32 19.95 10.96
CA ALA D 62 -11.40 20.86 10.57
C ALA D 62 -12.22 20.17 9.50
N SER D 63 -11.61 19.39 8.64
CA SER D 63 -12.35 18.60 7.63
C SER D 63 -12.09 17.10 7.84
N ALA D 64 -12.99 16.27 7.38
CA ALA D 64 -12.87 14.83 7.64
C ALA D 64 -11.78 14.21 6.77
N LEU D 65 -11.08 13.25 7.33
CA LEU D 65 -10.12 12.45 6.56
C LEU D 65 -10.87 11.28 5.94
N ASP D 66 -10.51 10.92 4.72
CA ASP D 66 -11.08 9.73 4.07
C ASP D 66 -9.90 8.96 3.51
N TYR D 67 -9.54 7.80 4.06
CA TYR D 67 -8.57 6.87 3.42
C TYR D 67 -9.07 6.34 2.04
N GLU D 68 -10.33 6.53 1.65
CA GLU D 68 -10.75 6.01 0.33
C GLU D 68 -10.60 7.13 -0.71
N THR D 69 -10.39 8.37 -0.27
CA THR D 69 -10.09 9.52 -1.17
C THR D 69 -8.55 9.68 -1.18
N LEU D 70 -8.02 10.03 -0.04
CA LEU D 70 -6.61 10.48 0.11
C LEU D 70 -6.01 9.68 1.26
N TYR D 71 -5.18 8.68 0.97
CA TYR D 71 -4.60 7.76 1.99
C TYR D 71 -3.30 8.36 2.57
N THR D 72 -2.61 9.22 1.84
CA THR D 72 -1.45 9.94 2.42
C THR D 72 -1.30 11.29 1.71
N PHE D 73 -1.10 12.33 2.49
CA PHE D 73 -0.93 13.69 1.91
C PHE D 73 0.22 14.40 2.60
N LYS D 74 0.61 15.58 2.13
CA LYS D 74 1.73 16.36 2.69
C LYS D 74 1.27 17.76 2.99
N VAL D 75 2.01 18.39 3.87
CA VAL D 75 1.59 19.69 4.41
C VAL D 75 2.85 20.51 4.58
N THR D 76 2.72 21.83 4.56
CA THR D 76 3.88 22.69 4.88
C THR D 76 3.62 23.24 6.25
N ILE D 77 4.40 22.84 7.24
CA ILE D 77 4.35 23.42 8.60
C ILE D 77 5.29 24.64 8.73
N SER D 78 4.94 25.58 9.59
CA SER D 78 5.72 26.82 9.73
C SER D 78 5.99 27.15 11.19
N VAL D 79 7.19 27.53 11.56
CA VAL D 79 7.43 28.08 12.90
C VAL D 79 8.09 29.40 12.64
N SER D 80 7.67 30.44 13.33
CA SER D 80 8.21 31.80 13.09
C SER D 80 8.67 32.49 14.38
N ASP D 81 9.97 32.68 14.59
CA ASP D 81 10.47 33.51 15.72
C ASP D 81 10.28 34.95 15.29
N PRO D 82 10.46 35.94 16.18
CA PRO D 82 10.29 37.34 15.80
C PRO D 82 11.18 37.82 14.64
N TYR D 83 12.04 36.97 14.07
CA TYR D 83 13.09 37.40 13.12
C TYR D 83 12.97 36.54 11.83
N ILE D 84 12.65 35.25 11.89
CA ILE D 84 12.76 34.39 10.68
C ILE D 84 11.53 33.52 10.68
N GLN D 85 11.21 32.94 9.54
CA GLN D 85 10.20 31.86 9.43
C GLN D 85 10.76 30.58 8.83
N VAL D 86 10.67 29.45 9.57
CA VAL D 86 11.15 28.12 9.11
C VAL D 86 9.95 27.34 8.62
N GLN D 87 9.89 27.11 7.34
CA GLN D 87 8.89 26.23 6.75
C GLN D 87 9.50 24.89 6.41
N ARG D 88 8.79 23.84 6.76
CA ARG D 88 9.22 22.47 6.55
C ARG D 88 8.07 21.67 5.97
N GLU D 89 8.37 20.53 5.35
CA GLU D 89 7.31 19.61 4.87
C GLU D 89 7.04 18.50 5.92
N MET D 90 5.75 18.14 6.07
CA MET D 90 5.28 17.07 6.97
C MET D 90 4.44 16.08 6.15
N LEU D 91 4.55 14.78 6.42
CA LEU D 91 3.69 13.78 5.79
C LEU D 91 2.57 13.39 6.76
N VAL D 92 1.37 13.19 6.25
CA VAL D 92 0.23 12.69 7.05
C VAL D 92 -0.09 11.35 6.46
N ILE D 93 0.06 10.29 7.27
CA ILE D 93 -0.33 8.89 6.90
C ILE D 93 -1.71 8.54 7.45
N VAL D 94 -2.69 8.32 6.59
CA VAL D 94 -4.07 8.09 7.06
C VAL D 94 -4.22 6.57 7.20
N GLU D 95 -5.10 6.13 8.13
CA GLU D 95 -5.36 4.73 8.50
C GLU D 95 -6.84 4.39 8.34
N ASP D 96 -7.14 3.21 7.74
CA ASP D 96 -8.47 2.77 7.23
C ASP D 96 -9.30 2.34 8.43
N ARG D 97 -10.62 2.56 8.37
CA ARG D 97 -11.57 2.03 9.35
C ARG D 97 -12.79 1.58 8.57
N ASN D 98 -13.72 0.86 9.22
CA ASN D 98 -15.01 0.43 8.63
C ASN D 98 -16.01 1.57 8.82
N ASP D 99 -15.77 2.67 8.11
CA ASP D 99 -16.60 3.88 8.12
C ASP D 99 -17.75 3.64 7.14
N ASN D 100 -17.56 2.75 6.16
CA ASN D 100 -18.48 2.64 5.00
C ASN D 100 -19.29 1.36 5.15
N ALA D 101 -20.54 1.36 4.69
CA ALA D 101 -21.43 0.18 4.70
C ALA D 101 -21.74 -0.20 3.28
N PRO D 102 -22.12 -1.42 3.01
CA PRO D 102 -22.65 -1.77 1.70
C PRO D 102 -23.84 -0.94 1.25
N VAL D 103 -24.05 -0.84 -0.08
CA VAL D 103 -25.12 -0.01 -0.72
C VAL D 103 -25.57 -0.75 -1.97
N PHE D 104 -26.88 -0.73 -2.32
CA PHE D 104 -27.50 -1.49 -3.45
C PHE D 104 -27.58 -0.61 -4.72
N PHE D 109 -35.89 -4.09 -8.72
CA PHE D 109 -36.42 -4.81 -7.54
C PHE D 109 -37.67 -5.61 -7.80
N SER D 110 -37.94 -5.78 -9.08
CA SER D 110 -39.14 -6.47 -9.57
C SER D 110 -38.70 -7.49 -10.61
N THR D 111 -39.40 -8.61 -10.64
CA THR D 111 -39.06 -9.78 -11.47
C THR D 111 -40.38 -10.53 -11.62
N SER D 112 -40.44 -11.44 -12.59
CA SER D 112 -41.57 -12.36 -12.79
C SER D 112 -41.05 -13.71 -13.29
N ILE D 113 -41.11 -14.73 -12.45
CA ILE D 113 -40.63 -16.08 -12.81
C ILE D 113 -41.83 -16.99 -13.17
N ASN D 114 -41.60 -18.18 -13.72
CA ASN D 114 -42.70 -19.14 -14.03
C ASN D 114 -42.69 -20.29 -13.01
N GLU D 115 -43.79 -21.08 -12.94
CA GLU D 115 -43.95 -22.13 -11.90
C GLU D 115 -43.28 -23.45 -12.31
N THR D 116 -43.00 -23.64 -13.61
CA THR D 116 -42.37 -24.85 -14.20
C THR D 116 -40.85 -24.68 -14.31
N LEU D 117 -40.34 -23.58 -13.73
CA LEU D 117 -38.89 -23.30 -13.59
C LEU D 117 -38.27 -24.33 -12.65
N PRO D 118 -37.19 -25.03 -13.08
CA PRO D 118 -36.54 -26.07 -12.26
C PRO D 118 -35.82 -25.51 -11.01
N VAL D 119 -35.65 -26.35 -9.99
CA VAL D 119 -34.87 -26.04 -8.75
C VAL D 119 -33.40 -25.81 -9.15
N GLY D 120 -32.69 -24.96 -8.41
CA GLY D 120 -31.29 -24.60 -8.71
C GLY D 120 -31.17 -23.44 -9.69
N SER D 121 -32.21 -23.15 -10.49
CA SER D 121 -32.31 -21.97 -11.38
C SER D 121 -31.98 -20.65 -10.65
N VAL D 122 -31.19 -19.78 -11.29
CA VAL D 122 -30.98 -18.37 -10.83
C VAL D 122 -32.22 -17.57 -11.16
N VAL D 123 -32.80 -16.92 -10.17
CA VAL D 123 -34.05 -16.14 -10.33
C VAL D 123 -33.65 -14.70 -10.69
N PHE D 124 -32.98 -14.06 -9.76
CA PHE D 124 -32.57 -12.64 -9.84
C PHE D 124 -31.13 -12.50 -9.32
N SER D 125 -30.58 -11.32 -9.45
CA SER D 125 -29.19 -11.02 -9.15
C SER D 125 -29.16 -9.68 -8.47
N VAL D 126 -28.42 -9.48 -7.40
CA VAL D 126 -28.32 -8.18 -6.69
C VAL D 126 -26.85 -7.91 -6.48
N LEU D 127 -26.48 -6.66 -6.38
CA LEU D 127 -25.09 -6.27 -6.01
C LEU D 127 -25.17 -5.15 -4.99
N ALA D 128 -24.39 -5.30 -3.96
CA ALA D 128 -24.16 -4.23 -2.98
C ALA D 128 -22.68 -3.95 -3.07
N VAL D 129 -22.24 -2.72 -2.87
CA VAL D 129 -20.80 -2.44 -2.86
C VAL D 129 -20.46 -1.50 -1.72
N ASP D 130 -19.40 -1.85 -1.00
CA ASP D 130 -18.82 -1.03 0.09
C ASP D 130 -17.65 -0.22 -0.49
N LYS D 131 -17.52 1.08 -0.17
CA LYS D 131 -16.40 1.93 -0.65
C LYS D 131 -15.12 1.42 -0.02
N ASP D 132 -15.29 0.79 1.14
CA ASP D 132 -14.17 0.34 2.00
C ASP D 132 -13.52 -0.81 1.26
N MET D 133 -12.20 -0.92 1.28
CA MET D 133 -11.43 -1.97 0.57
C MET D 133 -10.83 -2.91 1.60
N GLY D 134 -10.74 -4.20 1.30
CA GLY D 134 -10.32 -5.24 2.27
C GLY D 134 -11.46 -6.12 2.74
N SER D 135 -11.24 -6.82 3.84
CA SER D 135 -12.33 -7.61 4.44
C SER D 135 -13.49 -6.69 4.85
N ALA D 136 -13.21 -5.39 5.07
CA ALA D 136 -14.22 -4.34 5.38
C ALA D 136 -15.10 -4.01 4.17
N GLY D 137 -14.75 -4.56 3.00
CA GLY D 137 -15.35 -4.34 1.67
C GLY D 137 -16.11 -5.53 1.17
N MET D 138 -16.00 -6.68 1.85
CA MET D 138 -16.58 -7.95 1.33
C MET D 138 -18.04 -8.01 1.68
N VAL D 139 -18.93 -8.26 0.71
CA VAL D 139 -20.38 -8.20 1.01
C VAL D 139 -20.92 -9.60 1.22
N VAL D 140 -21.54 -9.79 2.40
CA VAL D 140 -22.35 -11.00 2.72
C VAL D 140 -23.86 -10.72 2.55
N TYR D 141 -24.52 -11.46 1.67
CA TYR D 141 -25.94 -11.20 1.31
C TYR D 141 -26.80 -12.14 2.16
N SER D 142 -27.97 -11.66 2.61
CA SER D 142 -28.91 -12.47 3.45
C SER D 142 -30.36 -12.12 3.09
N ILE D 143 -31.26 -13.11 3.13
CA ILE D 143 -32.72 -12.93 2.98
C ILE D 143 -33.23 -12.78 4.40
N GLU D 144 -33.65 -11.60 4.81
CA GLU D 144 -34.13 -11.34 6.18
C GLU D 144 -35.55 -11.92 6.41
N LYS D 145 -36.50 -11.60 5.54
CA LYS D 145 -37.87 -12.12 5.65
C LYS D 145 -38.37 -12.54 4.28
N VAL D 146 -39.43 -13.33 4.28
CA VAL D 146 -40.17 -13.73 3.04
C VAL D 146 -41.65 -13.59 3.31
N ILE D 147 -42.40 -12.91 2.46
CA ILE D 147 -43.88 -12.74 2.58
C ILE D 147 -44.46 -13.16 1.25
N PRO D 148 -45.20 -14.27 1.12
CA PRO D 148 -45.93 -14.94 2.22
C PRO D 148 -45.05 -15.86 3.08
N SER D 149 -45.31 -15.97 4.39
CA SER D 149 -44.50 -16.84 5.31
C SER D 149 -45.11 -18.24 5.40
N THR D 150 -45.88 -18.61 4.38
CA THR D 150 -46.59 -19.89 4.31
C THR D 150 -45.63 -21.00 3.93
N GLY D 151 -46.00 -22.23 4.20
CA GLY D 151 -45.20 -23.41 3.88
C GLY D 151 -43.73 -23.14 4.05
N ASP D 152 -42.99 -23.50 3.01
CA ASP D 152 -41.53 -23.45 3.06
C ASP D 152 -41.08 -22.30 2.20
N SER D 153 -41.82 -21.18 2.14
CA SER D 153 -41.30 -19.94 1.54
C SER D 153 -39.95 -19.58 2.18
N GLU D 154 -39.79 -19.87 3.47
CA GLU D 154 -38.52 -19.58 4.16
C GLU D 154 -37.33 -20.26 3.47
N HIS D 155 -37.52 -21.44 2.88
CA HIS D 155 -36.39 -22.20 2.28
C HIS D 155 -36.60 -22.40 0.77
N LEU D 156 -37.51 -21.67 0.11
CA LEU D 156 -37.77 -21.84 -1.36
C LEU D 156 -36.74 -21.06 -2.12
N PHE D 157 -35.96 -20.26 -1.43
CA PHE D 157 -35.03 -19.32 -2.10
C PHE D 157 -33.71 -19.20 -1.32
N ARG D 158 -32.63 -19.03 -2.08
CA ARG D 158 -31.29 -18.92 -1.48
C ARG D 158 -30.51 -17.79 -2.15
N ILE D 159 -29.92 -16.92 -1.36
CA ILE D 159 -29.02 -15.88 -1.91
C ILE D 159 -27.58 -16.36 -1.74
N LEU D 160 -26.86 -16.31 -2.84
CA LEU D 160 -25.46 -16.74 -2.85
C LEU D 160 -24.59 -15.51 -2.66
N ALA D 161 -23.27 -15.68 -2.57
CA ALA D 161 -22.33 -14.57 -2.31
C ALA D 161 -22.18 -13.72 -3.57
N ASN D 162 -22.59 -14.21 -4.74
CA ASN D 162 -22.53 -13.42 -5.98
C ASN D 162 -23.72 -12.47 -5.99
N GLY D 163 -24.63 -12.52 -5.02
CA GLY D 163 -25.90 -11.78 -5.12
C GLY D 163 -26.92 -12.52 -5.99
N SER D 164 -26.55 -13.64 -6.61
CA SER D 164 -27.51 -14.47 -7.38
C SER D 164 -28.47 -15.14 -6.39
N ILE D 165 -29.77 -14.93 -6.59
CA ILE D 165 -30.87 -15.59 -5.83
C ILE D 165 -31.27 -16.84 -6.60
N VAL D 166 -31.24 -17.99 -5.93
CA VAL D 166 -31.53 -19.28 -6.61
C VAL D 166 -32.75 -19.94 -5.97
N LEU D 167 -33.52 -20.65 -6.77
CA LEU D 167 -34.67 -21.46 -6.31
C LEU D 167 -34.20 -22.69 -5.52
N ASN D 168 -34.38 -22.74 -4.21
CA ASN D 168 -34.10 -24.00 -3.45
C ASN D 168 -35.40 -24.82 -3.35
N GLY D 169 -36.35 -24.60 -4.28
CA GLY D 169 -37.67 -25.23 -4.19
C GLY D 169 -38.50 -25.18 -5.46
N SER D 170 -39.74 -25.68 -5.42
CA SER D 170 -40.69 -25.71 -6.58
C SER D 170 -41.88 -24.78 -6.31
N LEU D 171 -42.51 -24.28 -7.37
CA LEU D 171 -43.60 -23.27 -7.22
C LEU D 171 -44.90 -23.75 -7.82
N SER D 172 -45.97 -23.18 -7.31
CA SER D 172 -47.37 -23.50 -7.67
C SER D 172 -48.17 -22.20 -7.51
N TYR D 173 -48.50 -21.53 -8.61
CA TYR D 173 -49.29 -20.26 -8.66
C TYR D 173 -50.58 -20.47 -7.88
N ASN D 174 -51.16 -21.67 -7.98
CA ASN D 174 -52.51 -21.91 -7.39
C ASN D 174 -52.37 -22.63 -6.04
N ASN D 175 -51.39 -23.52 -5.87
CA ASN D 175 -51.35 -24.36 -4.65
C ASN D 175 -50.37 -23.81 -3.63
N LYS D 176 -49.73 -22.68 -3.93
CA LYS D 176 -48.68 -22.12 -3.06
C LYS D 176 -48.88 -20.62 -2.87
N SER D 177 -48.43 -19.84 -3.84
CA SER D 177 -48.63 -18.38 -3.91
C SER D 177 -48.28 -17.91 -5.33
N ALA D 178 -48.96 -16.85 -5.73
CA ALA D 178 -48.76 -16.11 -6.99
C ALA D 178 -47.90 -14.88 -6.80
N PHE D 179 -47.04 -14.83 -5.78
CA PHE D 179 -46.08 -13.71 -5.51
C PHE D 179 -45.28 -13.95 -4.23
N TYR D 180 -44.05 -13.44 -4.16
CA TYR D 180 -43.22 -13.53 -2.94
C TYR D 180 -42.45 -12.23 -2.79
N GLN D 181 -42.41 -11.64 -1.60
CA GLN D 181 -41.60 -10.42 -1.38
C GLN D 181 -40.46 -10.75 -0.47
N LEU D 182 -39.24 -10.50 -0.87
CA LEU D 182 -38.01 -10.94 -0.17
C LEU D 182 -37.36 -9.69 0.42
N GLU D 183 -37.16 -9.63 1.72
CA GLU D 183 -36.36 -8.56 2.31
C GLU D 183 -34.91 -8.98 2.27
N LEU D 184 -34.01 -8.16 1.72
CA LEU D 184 -32.58 -8.56 1.59
C LEU D 184 -31.72 -7.63 2.39
N LYS D 185 -30.67 -8.15 3.00
CA LYS D 185 -29.68 -7.31 3.71
C LYS D 185 -28.31 -7.56 3.13
N ALA D 186 -27.40 -6.60 3.31
CA ALA D 186 -26.01 -6.73 2.84
C ALA D 186 -25.09 -6.27 3.96
N CYS D 187 -24.21 -7.16 4.42
CA CYS D 187 -23.29 -6.90 5.54
C CYS D 187 -21.84 -7.09 5.09
N ASP D 188 -20.94 -6.22 5.54
CA ASP D 188 -19.50 -6.40 5.31
C ASP D 188 -18.99 -7.45 6.32
N LEU D 189 -17.82 -7.99 6.05
CA LEU D 189 -17.23 -9.06 6.87
C LEU D 189 -16.61 -8.50 8.15
N GLY D 190 -16.66 -7.18 8.35
CA GLY D 190 -16.16 -6.56 9.58
C GLY D 190 -14.80 -5.84 9.46
N GLY D 191 -14.50 -5.07 10.51
CA GLY D 191 -13.30 -4.21 10.59
C GLY D 191 -13.30 -3.48 11.91
N MET D 192 -12.57 -2.39 12.03
CA MET D 192 -12.57 -1.51 13.22
C MET D 192 -13.18 -0.18 12.93
N TYR D 193 -14.05 0.30 13.80
CA TYR D 193 -14.57 1.69 13.75
C TYR D 193 -14.71 2.13 15.19
N HIS D 194 -13.99 3.17 15.57
CA HIS D 194 -14.09 3.76 16.93
C HIS D 194 -13.63 2.66 17.90
N ASN D 195 -12.43 2.12 17.66
CA ASN D 195 -11.69 1.24 18.60
C ASN D 195 -12.55 0.04 18.99
N THR D 196 -13.45 -0.40 18.12
CA THR D 196 -14.35 -1.54 18.38
C THR D 196 -14.64 -2.25 17.08
N PHE D 197 -14.61 -3.58 17.11
CA PHE D 197 -14.93 -4.39 15.91
C PHE D 197 -16.37 -4.10 15.48
N THR D 198 -16.55 -3.37 14.39
CA THR D 198 -17.90 -3.02 13.91
C THR D 198 -18.15 -3.84 12.63
N ILE D 199 -19.36 -4.36 12.44
CA ILE D 199 -19.92 -4.82 11.13
C ILE D 199 -20.93 -3.75 10.67
N GLN D 200 -20.80 -3.21 9.47
CA GLN D 200 -21.82 -2.27 8.91
C GLN D 200 -22.78 -3.04 7.96
N CYS D 201 -24.09 -2.82 8.09
CA CYS D 201 -25.14 -3.50 7.30
C CYS D 201 -25.95 -2.49 6.51
N SER D 202 -26.79 -2.99 5.60
CA SER D 202 -27.44 -2.16 4.57
C SER D 202 -28.84 -1.85 5.07
N LEU D 203 -29.57 -1.05 4.32
CA LEU D 203 -30.98 -0.78 4.65
C LEU D 203 -31.79 -1.85 3.94
N PRO D 204 -32.68 -2.52 4.65
CA PRO D 204 -33.43 -3.58 4.01
C PRO D 204 -33.89 -3.15 2.61
N VAL D 205 -33.64 -3.97 1.60
CA VAL D 205 -34.27 -3.81 0.27
C VAL D 205 -35.25 -4.93 0.05
N PHE D 206 -36.12 -4.79 -0.97
CA PHE D 206 -37.27 -5.68 -1.17
C PHE D 206 -37.33 -6.09 -2.62
N LEU D 207 -37.43 -7.39 -2.84
CA LEU D 207 -37.54 -7.97 -4.17
C LEU D 207 -38.97 -8.43 -4.36
N SER D 208 -39.58 -8.05 -5.47
CA SER D 208 -40.97 -8.40 -5.81
C SER D 208 -41.01 -9.45 -6.90
N ILE D 209 -40.95 -10.73 -6.53
CA ILE D 209 -41.14 -11.82 -7.52
C ILE D 209 -42.63 -11.94 -7.78
N SER D 210 -42.98 -12.25 -9.02
CA SER D 210 -44.37 -12.52 -9.45
C SER D 210 -44.44 -13.83 -10.22
N VAL D 211 -45.18 -14.81 -9.72
CA VAL D 211 -45.18 -16.14 -10.35
C VAL D 211 -46.16 -16.03 -11.52
N VAL D 212 -45.87 -16.66 -12.66
CA VAL D 212 -46.79 -16.73 -13.84
C VAL D 212 -47.08 -18.19 -14.12
N ASP D 213 -48.28 -18.52 -14.59
CA ASP D 213 -48.68 -19.93 -14.82
C ASP D 213 -49.00 -20.14 -16.28
N GLN D 214 -49.01 -21.39 -16.77
CA GLN D 214 -49.44 -21.63 -18.17
C GLN D 214 -50.01 -23.05 -18.32
#